data_8JNZ
#
_entry.id   8JNZ
#
_cell.length_a   48.516
_cell.length_b   91.815
_cell.length_c   162.941
_cell.angle_alpha   90.000
_cell.angle_beta   90.000
_cell.angle_gamma   90.000
#
_symmetry.space_group_name_H-M   'P 21 21 21'
#
loop_
_entity.id
_entity.type
_entity.pdbx_description
1 polymer 'Poly [ADP-ribose] polymerase 1, processed C-terminus'
2 non-polymer 6-methylpyrazolo[1,5-a]pyrimidine-3-carboxamide
3 non-polymer 'SULFATE ION'
#
_entity_poly.entity_id   1
_entity_poly.type   'polypeptide(L)'
_entity_poly.pdbx_seq_one_letter_code
;GPMTKSKLPKPVQDLIKMIFDVESMKKAMVEYEIDLQKMPLGKLSKRQIQAAYSILSEVQQAVSQGSSDSQILDLSNRFY
TLIPHDFGMKKPPLLNNADSVQAKAEMLDNLLDIEVAYSLLRGGSDDSSKDPIDVNYEKLKTDIKVVDRDSEEAEIIRKY
VKNTHATTHNAYDLEVIDIFKIEREGECQRYKPFKQLHNRRLLWHGSRTTNFAGILSQGLRIAPPEAPVTGYMFGKGIYF
ADMVSKSANYCHTSQGDPIGLILLGEVALGNMYELKHASHISKLPKGKHSVKGLGKTTPDPSANISLDGVDVPLGTGISS
GVNDTSLLYNEYIVYDIAQVNLKYLLKLKFNFKT
;
_entity_poly.pdbx_strand_id   A,B
#
loop_
_chem_comp.id
_chem_comp.type
_chem_comp.name
_chem_comp.formula
ERV non-polymer 6-methylpyrazolo[1,5-a]pyrimidine-3-carboxamide 'C8 H8 N4 O'
SO4 non-polymer 'SULFATE ION' 'O4 S -2'
#
# COMPACT_ATOMS: atom_id res chain seq x y z
N MET A 3 -39.67 -12.87 37.63
CA MET A 3 -38.91 -14.03 37.18
C MET A 3 -39.66 -14.77 36.09
N THR A 4 -40.15 -14.03 35.10
CA THR A 4 -40.91 -14.62 34.00
C THR A 4 -39.95 -15.15 32.95
N LYS A 5 -39.94 -16.48 32.77
CA LYS A 5 -39.06 -17.10 31.79
C LYS A 5 -39.33 -16.56 30.40
N SER A 6 -38.26 -16.42 29.62
CA SER A 6 -38.39 -15.86 28.28
C SER A 6 -39.18 -16.78 27.37
N LYS A 7 -40.03 -16.19 26.54
CA LYS A 7 -40.80 -16.92 25.55
C LYS A 7 -40.20 -16.81 24.15
N LEU A 8 -38.98 -16.29 24.04
CA LEU A 8 -38.31 -16.20 22.75
C LEU A 8 -38.04 -17.61 22.21
N PRO A 9 -37.91 -17.73 20.88
CA PRO A 9 -37.54 -19.03 20.32
C PRO A 9 -36.22 -19.52 20.88
N LYS A 10 -36.11 -20.84 21.07
CA LYS A 10 -34.91 -21.42 21.64
C LYS A 10 -33.63 -21.08 20.86
N PRO A 11 -33.61 -21.11 19.51
CA PRO A 11 -32.40 -20.68 18.81
C PRO A 11 -32.02 -19.23 19.08
N VAL A 12 -33.00 -18.36 19.30
CA VAL A 12 -32.69 -16.96 19.60
C VAL A 12 -32.13 -16.85 21.01
N GLN A 13 -32.72 -17.57 21.97
CA GLN A 13 -32.21 -17.54 23.35
C GLN A 13 -30.78 -18.06 23.41
N ASP A 14 -30.47 -19.12 22.64
CA ASP A 14 -29.11 -19.61 22.59
C ASP A 14 -28.17 -18.58 21.97
N LEU A 15 -28.66 -17.84 20.98
CA LEU A 15 -27.85 -16.80 20.35
C LEU A 15 -27.57 -15.65 21.32
N ILE A 16 -28.55 -15.33 22.17
CA ILE A 16 -28.36 -14.25 23.14
C ILE A 16 -27.33 -14.65 24.18
N LYS A 17 -27.46 -15.85 24.75
CA LYS A 17 -26.50 -16.33 25.73
C LYS A 17 -25.08 -16.35 25.15
N MET A 18 -24.95 -16.83 23.91
CA MET A 18 -23.63 -16.97 23.30
C MET A 18 -23.01 -15.59 23.01
N ILE A 19 -23.84 -14.58 22.74
CA ILE A 19 -23.32 -13.26 22.40
C ILE A 19 -22.89 -12.50 23.65
N PHE A 20 -23.69 -12.57 24.72
CA PHE A 20 -23.46 -11.78 25.92
C PHE A 20 -22.69 -12.56 27.00
N ASP A 21 -21.84 -13.50 26.61
CA ASP A 21 -21.09 -14.30 27.56
C ASP A 21 -19.82 -13.57 27.96
N VAL A 22 -19.70 -13.27 29.26
CA VAL A 22 -18.54 -12.53 29.75
C VAL A 22 -17.28 -13.38 29.68
N GLU A 23 -17.42 -14.70 29.83
CA GLU A 23 -16.24 -15.57 29.80
C GLU A 23 -15.63 -15.61 28.40
N SER A 24 -16.46 -15.69 27.37
CA SER A 24 -15.95 -15.66 26.00
C SER A 24 -15.19 -14.38 25.71
N MET A 25 -15.57 -13.28 26.36
CA MET A 25 -14.77 -12.05 26.26
C MET A 25 -13.42 -12.22 26.92
N LYS A 26 -13.40 -12.87 28.10
CA LYS A 26 -12.14 -13.04 28.82
C LYS A 26 -11.20 -13.98 28.07
N LYS A 27 -11.74 -15.04 27.46
CA LYS A 27 -10.89 -15.94 26.68
C LYS A 27 -10.30 -15.20 25.48
N ALA A 28 -11.09 -14.39 24.80
CA ALA A 28 -10.59 -13.65 23.64
C ALA A 28 -9.42 -12.74 24.01
N MET A 29 -9.49 -12.11 25.18
CA MET A 29 -8.35 -11.31 25.63
C MET A 29 -7.16 -12.18 26.00
N VAL A 30 -7.41 -13.38 26.54
CA VAL A 30 -6.33 -14.29 26.87
C VAL A 30 -5.69 -14.84 25.59
N GLU A 31 -6.49 -15.07 24.54
CA GLU A 31 -5.92 -15.52 23.27
C GLU A 31 -4.94 -14.49 22.71
N TYR A 32 -5.19 -13.20 22.96
CA TYR A 32 -4.26 -12.15 22.59
C TYR A 32 -3.13 -11.99 23.61
N GLU A 33 -3.07 -12.87 24.61
CA GLU A 33 -2.03 -12.84 25.64
C GLU A 33 -2.05 -11.53 26.43
N ILE A 34 -3.25 -11.00 26.66
CA ILE A 34 -3.40 -9.81 27.50
C ILE A 34 -3.47 -10.24 28.95
N ASP A 35 -2.72 -9.55 29.81
CA ASP A 35 -2.69 -9.86 31.23
C ASP A 35 -4.02 -9.43 31.87
N LEU A 36 -4.87 -10.41 32.17
CA LEU A 36 -6.15 -10.12 32.81
C LEU A 36 -6.01 -9.76 34.28
N GLN A 37 -4.85 -10.01 34.89
CA GLN A 37 -4.66 -9.66 36.29
C GLN A 37 -4.29 -8.19 36.44
N LYS A 38 -3.39 -7.69 35.60
CA LYS A 38 -3.02 -6.28 35.64
C LYS A 38 -4.02 -5.40 34.90
N MET A 39 -4.98 -5.99 34.17
CA MET A 39 -5.97 -5.24 33.42
C MET A 39 -7.19 -6.12 33.17
N PRO A 40 -8.07 -6.28 34.14
CA PRO A 40 -9.23 -7.15 33.96
C PRO A 40 -10.25 -6.55 32.99
N LEU A 41 -11.26 -7.36 32.68
CA LEU A 41 -12.22 -6.99 31.65
C LEU A 41 -13.01 -5.74 32.04
N GLY A 42 -13.39 -5.63 33.30
CA GLY A 42 -14.10 -4.45 33.77
C GLY A 42 -13.28 -3.18 33.75
N LYS A 43 -11.96 -3.28 33.60
CA LYS A 43 -11.07 -2.13 33.57
C LYS A 43 -10.76 -1.67 32.16
N LEU A 44 -11.31 -2.32 31.13
CA LEU A 44 -11.10 -1.90 29.76
C LEU A 44 -11.82 -0.58 29.49
N SER A 45 -11.13 0.33 28.80
CA SER A 45 -11.63 1.68 28.56
C SER A 45 -11.60 1.99 27.08
N LYS A 46 -12.62 2.73 26.62
CA LYS A 46 -12.67 3.15 25.23
C LYS A 46 -11.58 4.17 24.91
N ARG A 47 -11.38 5.14 25.82
CA ARG A 47 -10.33 6.13 25.61
C ARG A 47 -8.93 5.53 25.77
N GLN A 48 -8.81 4.40 26.47
CA GLN A 48 -7.53 3.71 26.54
C GLN A 48 -7.22 3.01 25.23
N ILE A 49 -8.22 2.39 24.61
CA ILE A 49 -8.01 1.75 23.31
C ILE A 49 -7.72 2.79 22.24
N GLN A 50 -8.37 3.95 22.32
CA GLN A 50 -8.09 5.01 21.37
C GLN A 50 -6.67 5.54 21.52
N ALA A 51 -6.15 5.57 22.75
CA ALA A 51 -4.76 5.96 22.94
C ALA A 51 -3.81 4.92 22.36
N ALA A 52 -4.18 3.64 22.46
CA ALA A 52 -3.39 2.60 21.82
C ALA A 52 -3.44 2.73 20.30
N TYR A 53 -4.59 3.13 19.75
CA TYR A 53 -4.69 3.42 18.33
C TYR A 53 -3.74 4.54 17.93
N SER A 54 -3.61 5.55 18.79
CA SER A 54 -2.74 6.69 18.48
C SER A 54 -1.28 6.29 18.47
N ILE A 55 -0.88 5.39 19.37
CA ILE A 55 0.50 4.91 19.40
C ILE A 55 0.79 4.12 18.13
N LEU A 56 -0.16 3.30 17.68
CA LEU A 56 0.00 2.60 16.41
C LEU A 56 0.13 3.58 15.25
N SER A 57 -0.59 4.70 15.32
CA SER A 57 -0.46 5.72 14.29
C SER A 57 0.88 6.46 14.41
N GLU A 58 1.39 6.60 15.63
CA GLU A 58 2.71 7.21 15.81
C GLU A 58 3.82 6.33 15.25
N VAL A 59 3.65 5.00 15.33
CA VAL A 59 4.62 4.09 14.73
C VAL A 59 4.56 4.20 13.21
N GLN A 60 3.36 4.32 12.65
CA GLN A 60 3.21 4.38 11.20
C GLN A 60 3.92 5.61 10.63
N GLN A 61 3.75 6.77 11.26
CA GLN A 61 4.35 8.00 10.74
C GLN A 61 5.86 8.01 10.93
N ALA A 62 6.36 7.40 12.02
CA ALA A 62 7.79 7.38 12.25
C ALA A 62 8.49 6.47 11.24
N VAL A 63 7.90 5.32 10.93
CA VAL A 63 8.48 4.43 9.93
C VAL A 63 8.54 5.11 8.57
N SER A 64 7.51 5.89 8.25
CA SER A 64 7.48 6.57 6.96
C SER A 64 8.51 7.70 6.91
N GLN A 65 8.49 8.59 7.90
CA GLN A 65 9.37 9.75 7.93
C GLN A 65 10.82 9.39 8.23
N GLY A 66 11.19 8.11 8.18
CA GLY A 66 12.56 7.69 8.39
C GLY A 66 13.13 8.14 9.72
N SER A 67 12.26 8.29 10.72
CA SER A 67 12.69 8.76 12.03
C SER A 67 13.53 7.68 12.72
N SER A 68 13.89 7.93 13.97
CA SER A 68 14.70 6.97 14.71
C SER A 68 13.93 5.67 14.90
N ASP A 69 14.57 4.55 14.56
CA ASP A 69 14.02 3.26 14.97
C ASP A 69 14.08 3.10 16.49
N SER A 70 14.88 3.92 17.16
CA SER A 70 14.83 3.96 18.63
C SER A 70 13.51 4.52 19.11
N GLN A 71 12.95 5.50 18.39
CA GLN A 71 11.60 5.98 18.70
C GLN A 71 10.58 4.88 18.54
N ILE A 72 10.73 4.06 17.49
CA ILE A 72 9.82 2.94 17.27
C ILE A 72 9.94 1.89 18.37
N LEU A 73 11.07 1.86 19.07
CA LEU A 73 11.20 0.97 20.22
C LEU A 73 10.50 1.55 21.44
N ASP A 74 10.61 2.86 21.65
CA ASP A 74 9.94 3.49 22.79
C ASP A 74 8.43 3.39 22.65
N LEU A 75 7.92 3.55 21.42
CA LEU A 75 6.48 3.44 21.20
C LEU A 75 5.99 2.02 21.39
N SER A 76 6.81 1.02 21.01
CA SER A 76 6.44 -0.36 21.25
C SER A 76 6.32 -0.66 22.74
N ASN A 77 7.30 -0.20 23.52
CA ASN A 77 7.23 -0.37 24.97
C ASN A 77 6.10 0.46 25.56
N ARG A 78 5.79 1.60 24.94
CA ARG A 78 4.65 2.39 25.38
C ARG A 78 3.35 1.63 25.18
N PHE A 79 3.24 0.91 24.05
CA PHE A 79 2.04 0.13 23.77
C PHE A 79 1.82 -0.95 24.82
N TYR A 80 2.89 -1.65 25.20
CA TYR A 80 2.78 -2.74 26.17
C TYR A 80 2.60 -2.24 27.60
N THR A 81 2.99 -0.99 27.87
CA THR A 81 2.64 -0.39 29.16
C THR A 81 1.18 0.04 29.18
N LEU A 82 0.68 0.53 28.04
CA LEU A 82 -0.72 0.95 27.95
C LEU A 82 -1.66 -0.25 28.03
N ILE A 83 -1.37 -1.29 27.25
CA ILE A 83 -2.13 -2.53 27.30
C ILE A 83 -1.25 -3.61 27.92
N PRO A 84 -1.41 -3.91 29.21
CA PRO A 84 -0.53 -4.88 29.86
C PRO A 84 -0.78 -6.29 29.36
N HIS A 85 0.25 -6.91 28.79
CA HIS A 85 0.19 -8.27 28.29
C HIS A 85 0.91 -9.21 29.25
N ASP A 86 0.91 -10.50 28.89
CA ASP A 86 1.62 -11.51 29.68
C ASP A 86 2.08 -12.59 28.71
N PHE A 87 3.34 -12.52 28.29
CA PHE A 87 3.94 -13.51 27.40
C PHE A 87 4.73 -14.57 28.15
N GLY A 88 4.70 -14.55 29.47
CA GLY A 88 5.45 -15.51 30.26
C GLY A 88 6.94 -15.26 30.22
N MET A 89 7.68 -16.10 29.49
CA MET A 89 9.12 -15.99 29.37
C MET A 89 9.57 -15.57 27.98
N LYS A 90 8.64 -15.27 27.08
CA LYS A 90 8.99 -14.95 25.70
C LYS A 90 9.12 -13.44 25.50
N LYS A 91 9.74 -13.07 24.40
CA LYS A 91 9.90 -11.66 24.06
C LYS A 91 8.64 -11.15 23.37
N PRO A 92 8.05 -10.05 23.85
CA PRO A 92 6.86 -9.52 23.18
C PRO A 92 7.16 -9.16 21.74
N PRO A 93 6.20 -9.33 20.85
CA PRO A 93 6.40 -8.91 19.45
C PRO A 93 6.64 -7.41 19.37
N LEU A 94 7.59 -7.03 18.52
CA LEU A 94 8.05 -5.65 18.42
C LEU A 94 7.29 -4.94 17.30
N LEU A 95 6.63 -3.83 17.64
CA LEU A 95 5.92 -3.02 16.65
C LEU A 95 6.93 -2.13 15.95
N ASN A 96 7.57 -2.69 14.92
CA ASN A 96 8.58 -1.97 14.15
C ASN A 96 8.37 -2.02 12.65
N ASN A 97 7.33 -2.74 12.18
CA ASN A 97 7.07 -2.87 10.76
C ASN A 97 5.56 -2.82 10.53
N ALA A 98 5.16 -3.00 9.27
CA ALA A 98 3.75 -2.86 8.91
C ALA A 98 2.92 -4.05 9.39
N ASP A 99 3.50 -5.26 9.34
CA ASP A 99 2.77 -6.46 9.78
C ASP A 99 2.38 -6.34 11.24
N SER A 100 3.33 -5.93 12.10
CA SER A 100 3.03 -5.80 13.52
C SER A 100 1.94 -4.76 13.76
N VAL A 101 1.93 -3.68 12.98
CA VAL A 101 0.89 -2.66 13.12
C VAL A 101 -0.47 -3.24 12.76
N GLN A 102 -0.55 -3.98 11.65
CA GLN A 102 -1.81 -4.56 11.22
C GLN A 102 -2.36 -5.55 12.25
N ALA A 103 -1.46 -6.34 12.86
CA ALA A 103 -1.91 -7.32 13.85
C ALA A 103 -2.48 -6.64 15.08
N LYS A 104 -1.79 -5.62 15.59
CA LYS A 104 -2.30 -4.91 16.76
C LYS A 104 -3.50 -4.03 16.42
N ALA A 105 -3.58 -3.56 15.16
CA ALA A 105 -4.77 -2.82 14.74
C ALA A 105 -5.99 -3.73 14.75
N GLU A 106 -5.86 -4.95 14.24
CA GLU A 106 -6.95 -5.91 14.30
C GLU A 106 -7.29 -6.28 15.74
N MET A 107 -6.28 -6.31 16.62
CA MET A 107 -6.53 -6.63 18.01
C MET A 107 -7.36 -5.55 18.70
N LEU A 108 -7.02 -4.28 18.45
CA LEU A 108 -7.76 -3.19 19.09
C LEU A 108 -9.18 -3.08 18.54
N ASP A 109 -9.40 -3.52 17.30
CA ASP A 109 -10.76 -3.55 16.77
C ASP A 109 -11.64 -4.50 17.57
N ASN A 110 -11.08 -5.64 17.99
CA ASN A 110 -11.83 -6.58 18.80
C ASN A 110 -11.91 -6.15 20.26
N LEU A 111 -10.86 -5.47 20.75
CA LEU A 111 -10.92 -4.92 22.11
C LEU A 111 -11.97 -3.83 22.23
N LEU A 112 -12.08 -2.98 21.21
CA LEU A 112 -13.08 -1.92 21.22
C LEU A 112 -14.50 -2.49 21.20
N ASP A 113 -14.69 -3.59 20.46
CA ASP A 113 -16.00 -4.24 20.43
C ASP A 113 -16.28 -5.02 21.71
N ILE A 114 -15.24 -5.57 22.34
CA ILE A 114 -15.43 -6.26 23.61
C ILE A 114 -15.86 -5.30 24.71
N GLU A 115 -15.20 -4.13 24.77
CA GLU A 115 -15.61 -3.11 25.74
C GLU A 115 -17.03 -2.65 25.47
N VAL A 116 -17.42 -2.57 24.20
CA VAL A 116 -18.78 -2.20 23.86
C VAL A 116 -19.77 -3.24 24.37
N ALA A 117 -19.47 -4.51 24.17
CA ALA A 117 -20.36 -5.58 24.63
C ALA A 117 -20.47 -5.57 26.15
N TYR A 118 -19.37 -5.31 26.84
CA TYR A 118 -19.39 -5.29 28.31
C TYR A 118 -20.08 -4.04 28.84
N SER A 119 -19.93 -2.90 28.16
CA SER A 119 -20.63 -1.69 28.58
C SER A 119 -22.13 -1.84 28.33
N LEU A 120 -22.51 -2.48 27.22
CA LEU A 120 -23.91 -2.75 26.96
C LEU A 120 -24.51 -3.65 28.03
N LEU A 121 -23.71 -4.61 28.52
CA LEU A 121 -24.22 -5.57 29.50
C LEU A 121 -24.41 -4.92 30.87
N ARG A 122 -23.45 -4.13 31.31
CA ARG A 122 -23.48 -3.53 32.65
C ARG A 122 -23.95 -2.09 32.61
N GLY A 123 -25.12 -1.85 32.00
CA GLY A 123 -25.66 -0.52 31.90
C GLY A 123 -27.17 -0.50 31.75
N GLY A 124 -27.71 0.65 31.35
CA GLY A 124 -29.16 0.75 31.18
C GLY A 124 -29.87 0.62 32.52
N SER A 125 -30.98 -0.12 32.50
CA SER A 125 -31.75 -0.40 33.70
C SER A 125 -31.78 -1.90 33.94
N ASP A 126 -32.14 -2.27 35.17
CA ASP A 126 -32.19 -3.67 35.56
C ASP A 126 -33.47 -3.96 36.32
N ASP A 127 -34.05 -5.13 36.06
CA ASP A 127 -35.28 -5.57 36.73
C ASP A 127 -35.18 -7.07 36.90
N SER A 128 -35.20 -7.53 38.16
CA SER A 128 -35.07 -8.94 38.47
C SER A 128 -36.36 -9.72 38.25
N SER A 129 -37.40 -9.08 37.73
CA SER A 129 -38.63 -9.78 37.36
C SER A 129 -38.62 -10.28 35.93
N LYS A 130 -37.60 -9.93 35.15
CA LYS A 130 -37.49 -10.31 33.75
C LYS A 130 -36.32 -11.27 33.55
N ASP A 131 -36.48 -12.16 32.58
CA ASP A 131 -35.41 -13.07 32.22
C ASP A 131 -34.22 -12.28 31.69
N PRO A 132 -33.00 -12.54 32.17
CA PRO A 132 -31.83 -11.86 31.60
C PRO A 132 -31.71 -12.00 30.09
N ILE A 133 -32.22 -13.10 29.52
CA ILE A 133 -32.25 -13.25 28.07
C ILE A 133 -33.14 -12.18 27.46
N ASP A 134 -34.28 -11.90 28.09
CA ASP A 134 -35.18 -10.88 27.57
C ASP A 134 -34.56 -9.49 27.69
N VAL A 135 -33.82 -9.23 28.77
CA VAL A 135 -33.21 -7.92 28.96
C VAL A 135 -32.10 -7.69 27.94
N ASN A 136 -31.29 -8.73 27.69
CA ASN A 136 -30.17 -8.57 26.74
C ASN A 136 -30.66 -8.47 25.31
N TYR A 137 -31.77 -9.12 24.97
CA TYR A 137 -32.29 -9.07 23.60
C TYR A 137 -32.71 -7.66 23.24
N GLU A 138 -33.43 -6.98 24.12
CA GLU A 138 -33.84 -5.60 23.87
C GLU A 138 -32.68 -4.62 23.99
N LYS A 139 -31.56 -5.03 24.55
CA LYS A 139 -30.37 -4.18 24.55
C LYS A 139 -29.76 -4.08 23.15
N LEU A 140 -29.95 -5.13 22.33
CA LEU A 140 -29.42 -5.11 20.97
C LEU A 140 -30.18 -4.16 20.05
N LYS A 141 -31.43 -3.82 20.41
CA LYS A 141 -32.30 -2.98 19.57
C LYS A 141 -32.40 -3.56 18.16
N THR A 142 -32.68 -4.86 18.09
CA THR A 142 -32.71 -5.56 16.82
C THR A 142 -33.78 -6.62 16.84
N ASP A 143 -34.58 -6.69 15.78
CA ASP A 143 -35.53 -7.78 15.60
C ASP A 143 -34.79 -9.01 15.09
N ILE A 144 -34.98 -10.13 15.77
CA ILE A 144 -34.29 -11.38 15.44
C ILE A 144 -35.33 -12.48 15.30
N LYS A 145 -35.53 -12.96 14.08
CA LYS A 145 -36.45 -14.05 13.79
C LYS A 145 -35.67 -15.20 13.15
N VAL A 146 -36.05 -16.43 13.49
CA VAL A 146 -35.43 -17.61 12.91
C VAL A 146 -36.04 -17.85 11.53
N VAL A 147 -35.19 -18.03 10.53
CA VAL A 147 -35.64 -18.35 9.17
C VAL A 147 -35.99 -19.83 9.12
N ASP A 148 -37.13 -20.14 8.51
CA ASP A 148 -37.55 -21.53 8.38
C ASP A 148 -36.55 -22.31 7.54
N ARG A 149 -36.29 -23.55 7.95
CA ARG A 149 -35.29 -24.37 7.27
C ARG A 149 -35.71 -24.75 5.86
N ASP A 150 -37.02 -24.82 5.60
CA ASP A 150 -37.53 -25.27 4.32
C ASP A 150 -37.93 -24.12 3.40
N SER A 151 -37.64 -22.88 3.79
CA SER A 151 -37.96 -21.73 2.95
C SER A 151 -36.90 -21.56 1.86
N GLU A 152 -37.26 -20.80 0.83
CA GLU A 152 -36.32 -20.55 -0.26
C GLU A 152 -35.17 -19.66 0.19
N GLU A 153 -35.38 -18.84 1.23
CA GLU A 153 -34.28 -18.06 1.80
C GLU A 153 -33.19 -18.99 2.32
N ALA A 154 -33.57 -19.97 3.14
CA ALA A 154 -32.59 -20.92 3.66
C ALA A 154 -31.99 -21.77 2.56
N GLU A 155 -32.76 -22.04 1.50
CA GLU A 155 -32.22 -22.81 0.38
C GLU A 155 -31.09 -22.07 -0.32
N ILE A 156 -31.30 -20.78 -0.59
CA ILE A 156 -30.29 -19.98 -1.27
C ILE A 156 -29.09 -19.77 -0.35
N ILE A 157 -29.35 -19.46 0.93
CA ILE A 157 -28.25 -19.21 1.87
C ILE A 157 -27.40 -20.47 2.03
N ARG A 158 -28.03 -21.64 2.11
CA ARG A 158 -27.27 -22.87 2.20
C ARG A 158 -26.44 -23.10 0.94
N LYS A 159 -27.01 -22.83 -0.23
CA LYS A 159 -26.26 -22.93 -1.47
C LYS A 159 -25.12 -21.91 -1.51
N TYR A 160 -25.29 -20.77 -0.86
CA TYR A 160 -24.23 -19.78 -0.77
C TYR A 160 -23.06 -20.32 0.04
N VAL A 161 -23.35 -20.90 1.22
CA VAL A 161 -22.28 -21.49 2.03
C VAL A 161 -21.69 -22.71 1.34
N LYS A 162 -22.54 -23.48 0.68
CA LYS A 162 -22.11 -24.76 0.10
C LYS A 162 -21.12 -24.55 -1.04
N ASN A 163 -21.35 -23.55 -1.88
CA ASN A 163 -20.57 -23.40 -3.10
C ASN A 163 -19.27 -22.63 -2.90
N THR A 164 -19.29 -21.56 -2.12
CA THR A 164 -18.14 -20.66 -2.02
C THR A 164 -17.22 -21.00 -0.87
N HIS A 165 -16.92 -22.29 -0.65
CA HIS A 165 -15.90 -22.70 0.31
C HIS A 165 -14.61 -22.97 -0.46
N ALA A 166 -13.61 -22.12 -0.23
CA ALA A 166 -12.37 -22.19 -1.00
C ALA A 166 -11.57 -23.45 -0.64
N THR A 167 -10.86 -23.97 -1.64
CA THR A 167 -10.02 -25.15 -1.40
C THR A 167 -8.79 -24.81 -0.57
N THR A 168 -8.34 -23.56 -0.61
CA THR A 168 -7.21 -23.15 0.22
C THR A 168 -7.56 -23.21 1.70
N HIS A 169 -8.80 -22.86 2.05
CA HIS A 169 -9.25 -22.91 3.44
C HIS A 169 -9.74 -24.32 3.75
N ASN A 170 -8.77 -25.24 3.85
CA ASN A 170 -9.02 -26.66 4.02
C ASN A 170 -8.99 -27.10 5.48
N ALA A 171 -8.74 -26.18 6.42
CA ALA A 171 -8.65 -26.55 7.82
C ALA A 171 -9.99 -27.01 8.40
N TYR A 172 -11.10 -26.74 7.71
CA TYR A 172 -12.42 -27.04 8.26
C TYR A 172 -13.43 -27.04 7.13
N ASP A 173 -14.64 -27.51 7.46
CA ASP A 173 -15.82 -27.32 6.64
C ASP A 173 -16.95 -26.83 7.53
N LEU A 174 -17.94 -26.17 6.93
CA LEU A 174 -18.97 -25.46 7.67
C LEU A 174 -20.29 -26.19 7.61
N GLU A 175 -20.99 -26.22 8.74
CA GLU A 175 -22.36 -26.73 8.82
C GLU A 175 -23.25 -25.61 9.35
N VAL A 176 -24.31 -25.30 8.60
CA VAL A 176 -25.23 -24.24 8.97
C VAL A 176 -26.18 -24.75 10.04
N ILE A 177 -26.10 -24.18 11.24
CA ILE A 177 -26.97 -24.56 12.34
C ILE A 177 -28.25 -23.74 12.28
N ASP A 178 -28.13 -22.43 12.44
CA ASP A 178 -29.25 -21.53 12.47
C ASP A 178 -29.08 -20.42 11.42
N ILE A 179 -30.22 -19.90 10.95
CA ILE A 179 -30.25 -18.77 10.04
C ILE A 179 -31.25 -17.76 10.60
N PHE A 180 -30.75 -16.59 11.00
CA PHE A 180 -31.57 -15.55 11.59
C PHE A 180 -31.77 -14.41 10.61
N LYS A 181 -33.00 -13.88 10.58
CA LYS A 181 -33.33 -12.69 9.80
C LYS A 181 -33.35 -11.51 10.76
N ILE A 182 -32.37 -10.62 10.63
CA ILE A 182 -32.19 -9.53 11.58
C ILE A 182 -32.65 -8.22 10.95
N GLU A 183 -33.16 -7.33 11.81
CA GLU A 183 -33.64 -6.01 11.39
C GLU A 183 -33.21 -5.01 12.47
N ARG A 184 -32.08 -4.37 12.25
CA ARG A 184 -31.57 -3.39 13.22
C ARG A 184 -32.48 -2.17 13.27
N GLU A 185 -32.67 -1.65 14.48
CA GLU A 185 -33.56 -0.50 14.67
C GLU A 185 -32.98 0.73 13.98
N GLY A 186 -33.75 1.29 13.05
CA GLY A 186 -33.37 2.50 12.36
C GLY A 186 -32.42 2.32 11.19
N GLU A 187 -31.89 1.12 10.98
CA GLU A 187 -30.93 0.92 9.90
C GLU A 187 -31.59 1.03 8.53
N CYS A 188 -32.86 0.63 8.40
CA CYS A 188 -33.52 0.69 7.11
C CYS A 188 -33.70 2.13 6.64
N GLN A 189 -34.00 3.04 7.57
CA GLN A 189 -34.11 4.44 7.19
C GLN A 189 -32.75 5.04 6.82
N ARG A 190 -31.68 4.58 7.48
CA ARG A 190 -30.34 5.06 7.16
C ARG A 190 -29.87 4.55 5.79
N TYR A 191 -30.28 3.33 5.42
CA TYR A 191 -29.89 2.74 4.15
C TYR A 191 -30.74 3.23 2.98
N LYS A 192 -31.84 3.92 3.26
CA LYS A 192 -32.75 4.36 2.20
C LYS A 192 -32.10 5.16 1.09
N PRO A 193 -31.20 6.13 1.35
CA PRO A 193 -30.58 6.87 0.24
C PRO A 193 -29.78 6.01 -0.73
N PHE A 194 -29.41 4.79 -0.33
CA PHE A 194 -28.64 3.90 -1.18
C PHE A 194 -29.46 2.74 -1.72
N LYS A 195 -30.79 2.81 -1.61
CA LYS A 195 -31.63 1.65 -1.96
C LYS A 195 -31.60 1.36 -3.45
N GLN A 196 -31.77 2.40 -4.29
CA GLN A 196 -31.72 2.23 -5.73
C GLN A 196 -30.38 2.64 -6.31
N LEU A 197 -29.30 2.47 -5.55
CA LEU A 197 -27.95 2.49 -6.13
C LEU A 197 -27.71 1.20 -6.91
N HIS A 198 -27.07 1.33 -8.07
CA HIS A 198 -26.79 0.15 -8.87
C HIS A 198 -25.69 -0.70 -8.22
N ASN A 199 -25.64 -1.96 -8.64
CA ASN A 199 -24.63 -2.93 -8.20
C ASN A 199 -24.72 -3.16 -6.68
N ARG A 200 -25.83 -3.76 -6.28
CA ARG A 200 -26.06 -4.18 -4.91
C ARG A 200 -25.88 -5.68 -4.80
N ARG A 201 -25.07 -6.12 -3.84
CA ARG A 201 -24.78 -7.53 -3.65
C ARG A 201 -24.98 -7.90 -2.18
N LEU A 202 -25.19 -9.20 -1.95
CA LEU A 202 -25.28 -9.76 -0.62
C LEU A 202 -23.96 -10.46 -0.30
N LEU A 203 -23.23 -9.95 0.69
CA LEU A 203 -21.87 -10.38 0.95
C LEU A 203 -21.73 -10.83 2.40
N TRP A 204 -20.62 -11.51 2.67
CA TRP A 204 -20.35 -12.07 3.98
C TRP A 204 -19.52 -11.11 4.83
N HIS A 205 -19.76 -11.16 6.14
CA HIS A 205 -18.91 -10.48 7.10
C HIS A 205 -18.77 -11.35 8.33
N GLY A 206 -17.55 -11.81 8.60
CA GLY A 206 -17.26 -12.59 9.78
C GLY A 206 -16.60 -11.77 10.86
N SER A 207 -16.83 -12.16 12.11
CA SER A 207 -16.27 -11.45 13.25
C SER A 207 -16.32 -12.37 14.46
N ARG A 208 -15.60 -11.97 15.52
CA ARG A 208 -15.64 -12.72 16.76
C ARG A 208 -17.05 -12.67 17.35
N THR A 209 -17.42 -13.76 18.03
CA THR A 209 -18.77 -13.88 18.55
C THR A 209 -19.08 -12.79 19.57
N THR A 210 -18.11 -12.46 20.42
CA THR A 210 -18.32 -11.42 21.42
C THR A 210 -18.53 -10.05 20.79
N ASN A 211 -18.04 -9.84 19.57
CA ASN A 211 -18.20 -8.55 18.90
C ASN A 211 -19.61 -8.32 18.39
N PHE A 212 -20.47 -9.34 18.36
CA PHE A 212 -21.79 -9.20 17.77
C PHE A 212 -22.77 -8.45 18.67
N ALA A 213 -22.46 -8.31 19.96
CA ALA A 213 -23.30 -7.47 20.81
C ALA A 213 -23.22 -6.01 20.39
N GLY A 214 -22.08 -5.57 19.88
CA GLY A 214 -21.95 -4.21 19.38
C GLY A 214 -22.31 -4.10 17.91
N ILE A 215 -22.09 -5.17 17.16
CA ILE A 215 -22.45 -5.16 15.74
C ILE A 215 -23.95 -5.03 15.57
N LEU A 216 -24.72 -5.74 16.40
CA LEU A 216 -26.17 -5.62 16.33
C LEU A 216 -26.66 -4.32 16.94
N SER A 217 -25.93 -3.78 17.92
CA SER A 217 -26.36 -2.57 18.59
C SER A 217 -26.04 -1.32 17.76
N GLN A 218 -24.85 -1.26 17.16
CA GLN A 218 -24.39 -0.07 16.47
C GLN A 218 -24.04 -0.32 15.00
N GLY A 219 -24.35 -1.50 14.46
CA GLY A 219 -24.00 -1.77 13.09
C GLY A 219 -22.50 -2.04 12.93
N LEU A 220 -22.10 -2.17 11.67
CA LEU A 220 -20.70 -2.33 11.32
C LEU A 220 -20.06 -0.95 11.22
N ARG A 221 -19.09 -0.68 12.07
CA ARG A 221 -18.46 0.63 12.17
C ARG A 221 -17.13 0.65 11.44
N ILE A 222 -16.67 1.86 11.15
CA ILE A 222 -15.34 2.11 10.60
C ILE A 222 -14.38 2.32 11.76
N ALA A 223 -13.14 1.90 11.59
CA ALA A 223 -12.11 2.12 12.60
C ALA A 223 -12.06 3.60 12.98
N PRO A 224 -11.85 3.93 14.24
CA PRO A 224 -11.91 5.34 14.69
C PRO A 224 -10.83 6.17 14.03
N PRO A 225 -10.94 7.50 14.10
CA PRO A 225 -9.91 8.36 13.48
C PRO A 225 -8.51 8.12 14.01
N GLU A 226 -8.38 7.70 15.27
CA GLU A 226 -7.05 7.45 15.83
C GLU A 226 -6.39 6.22 15.25
N ALA A 227 -7.16 5.35 14.59
CA ALA A 227 -6.59 4.13 14.03
C ALA A 227 -5.70 4.47 12.84
N PRO A 228 -4.56 3.78 12.68
CA PRO A 228 -3.69 4.03 11.54
C PRO A 228 -4.31 3.50 10.25
N VAL A 229 -4.29 4.32 9.20
CA VAL A 229 -4.88 3.91 7.93
C VAL A 229 -4.05 2.82 7.28
N THR A 230 -2.75 2.76 7.56
CA THR A 230 -1.90 1.72 7.00
C THR A 230 -2.03 0.39 7.74
N GLY A 231 -2.74 0.36 8.86
CA GLY A 231 -3.01 -0.90 9.53
C GLY A 231 -4.02 -1.77 8.84
N TYR A 232 -4.66 -1.26 7.79
CA TYR A 232 -5.64 -2.00 7.00
C TYR A 232 -5.27 -1.90 5.53
N MET A 233 -5.51 -2.99 4.79
CA MET A 233 -4.98 -3.10 3.44
C MET A 233 -5.57 -2.03 2.51
N PHE A 234 -6.87 -1.80 2.60
CA PHE A 234 -7.55 -0.84 1.74
C PHE A 234 -8.09 0.36 2.52
N GLY A 235 -7.43 0.72 3.62
CA GLY A 235 -7.83 1.87 4.39
C GLY A 235 -8.91 1.54 5.42
N LYS A 236 -9.42 2.61 6.03
CA LYS A 236 -10.38 2.49 7.12
C LYS A 236 -11.79 2.46 6.53
N GLY A 237 -12.26 1.25 6.25
CA GLY A 237 -13.62 1.04 5.78
C GLY A 237 -14.23 -0.21 6.37
N ILE A 238 -15.33 -0.69 5.78
CA ILE A 238 -15.98 -1.93 6.21
C ILE A 238 -15.72 -2.98 5.14
N TYR A 239 -15.21 -4.14 5.56
CA TYR A 239 -14.72 -5.15 4.64
C TYR A 239 -15.73 -6.28 4.51
N PHE A 240 -15.98 -6.71 3.27
CA PHE A 240 -16.85 -7.84 2.97
C PHE A 240 -16.15 -8.77 1.99
N ALA A 241 -16.75 -9.94 1.78
CA ALA A 241 -16.23 -10.93 0.85
C ALA A 241 -17.40 -11.66 0.20
N ASP A 242 -17.10 -12.37 -0.89
CA ASP A 242 -18.08 -13.21 -1.56
C ASP A 242 -17.81 -14.70 -1.38
N MET A 243 -16.66 -15.07 -0.82
CA MET A 243 -16.36 -16.45 -0.47
C MET A 243 -16.67 -16.64 1.01
N VAL A 244 -17.51 -17.61 1.33
CA VAL A 244 -17.95 -17.80 2.71
C VAL A 244 -16.78 -18.25 3.60
N SER A 245 -15.78 -18.90 3.02
CA SER A 245 -14.64 -19.34 3.81
C SER A 245 -13.68 -18.20 4.11
N LYS A 246 -13.60 -17.20 3.22
CA LYS A 246 -12.74 -16.04 3.48
C LYS A 246 -13.24 -15.26 4.68
N SER A 247 -14.56 -15.08 4.80
CA SER A 247 -15.12 -14.33 5.91
C SER A 247 -15.18 -15.16 7.19
N ALA A 248 -15.41 -16.47 7.07
CA ALA A 248 -15.43 -17.33 8.24
C ALA A 248 -14.08 -17.39 8.94
N ASN A 249 -12.99 -17.10 8.22
CA ASN A 249 -11.68 -17.05 8.85
C ASN A 249 -11.57 -15.89 9.84
N TYR A 250 -12.36 -14.84 9.66
CA TYR A 250 -12.37 -13.71 10.58
C TYR A 250 -13.24 -13.94 11.80
N CYS A 251 -13.95 -15.08 11.86
CA CYS A 251 -14.62 -15.46 13.10
C CYS A 251 -13.63 -15.86 14.17
N HIS A 252 -12.38 -16.15 13.79
CA HIS A 252 -11.33 -16.57 14.71
C HIS A 252 -11.78 -17.77 15.53
N THR A 253 -12.37 -18.74 14.83
CA THR A 253 -12.92 -19.92 15.45
C THR A 253 -11.80 -20.92 15.74
N SER A 254 -11.81 -21.48 16.95
CA SER A 254 -10.81 -22.43 17.40
C SER A 254 -11.43 -23.82 17.54
N GLN A 255 -10.58 -24.81 17.78
CA GLN A 255 -11.07 -26.17 17.98
C GLN A 255 -11.73 -26.34 19.34
N GLY A 256 -11.49 -25.41 20.27
CA GLY A 256 -12.17 -25.43 21.55
C GLY A 256 -13.57 -24.84 21.47
N ASP A 257 -13.70 -23.73 20.74
CA ASP A 257 -14.99 -23.07 20.52
C ASP A 257 -15.27 -23.10 19.02
N PRO A 258 -15.90 -24.17 18.52
CA PRO A 258 -16.04 -24.34 17.07
C PRO A 258 -17.35 -23.77 16.50
N ILE A 259 -18.03 -22.91 17.24
CA ILE A 259 -19.28 -22.30 16.79
C ILE A 259 -18.99 -20.86 16.37
N GLY A 260 -19.48 -20.48 15.19
CA GLY A 260 -19.19 -19.19 14.63
C GLY A 260 -20.43 -18.45 14.21
N LEU A 261 -20.31 -17.12 14.15
CA LEU A 261 -21.35 -16.23 13.68
C LEU A 261 -20.84 -15.44 12.49
N ILE A 262 -21.60 -15.45 11.40
CA ILE A 262 -21.25 -14.72 10.19
C ILE A 262 -22.44 -13.88 9.77
N LEU A 263 -22.16 -12.77 9.09
CA LEU A 263 -23.18 -11.81 8.69
C LEU A 263 -23.38 -11.87 7.18
N LEU A 264 -24.63 -11.72 6.76
CA LEU A 264 -25.00 -11.57 5.34
C LEU A 264 -25.65 -10.21 5.19
N GLY A 265 -24.97 -9.31 4.48
CA GLY A 265 -25.41 -7.93 4.39
C GLY A 265 -25.57 -7.45 2.97
N GLU A 266 -26.60 -6.65 2.74
CA GLU A 266 -26.80 -5.96 1.46
C GLU A 266 -25.89 -4.74 1.44
N VAL A 267 -24.99 -4.68 0.46
CA VAL A 267 -23.98 -3.63 0.37
C VAL A 267 -24.19 -2.86 -0.92
N ALA A 268 -24.42 -1.55 -0.78
CA ALA A 268 -24.55 -0.66 -1.94
C ALA A 268 -23.15 -0.34 -2.44
N LEU A 269 -22.71 -1.12 -3.44
CA LEU A 269 -21.34 -0.97 -3.92
C LEU A 269 -21.20 0.19 -4.91
N GLY A 270 -22.16 0.34 -5.82
CA GLY A 270 -22.07 1.42 -6.79
C GLY A 270 -20.90 1.24 -7.73
N ASN A 271 -20.18 2.33 -7.98
CA ASN A 271 -18.99 2.29 -8.81
C ASN A 271 -17.83 1.70 -8.02
N MET A 272 -17.29 0.59 -8.49
CA MET A 272 -16.26 -0.15 -7.77
C MET A 272 -14.88 0.29 -8.25
N TYR A 273 -14.09 0.86 -7.35
CA TYR A 273 -12.69 1.15 -7.61
C TYR A 273 -11.93 -0.17 -7.51
N GLU A 274 -11.64 -0.78 -8.66
CA GLU A 274 -11.05 -2.11 -8.68
C GLU A 274 -9.54 -2.02 -8.50
N LEU A 275 -9.03 -2.62 -7.42
CA LEU A 275 -7.62 -2.61 -7.10
C LEU A 275 -7.09 -4.03 -7.04
N LYS A 276 -5.76 -4.14 -7.08
CA LYS A 276 -5.08 -5.43 -7.00
C LYS A 276 -4.07 -5.52 -5.87
N HIS A 277 -3.68 -4.39 -5.27
CA HIS A 277 -2.72 -4.39 -4.17
C HIS A 277 -3.15 -3.34 -3.16
N ALA A 278 -2.37 -3.22 -2.08
CA ALA A 278 -2.76 -2.36 -0.96
C ALA A 278 -2.85 -0.90 -1.40
N SER A 279 -3.82 -0.19 -0.83
CA SER A 279 -4.02 1.23 -1.10
C SER A 279 -4.67 1.84 0.15
N HIS A 280 -3.83 2.31 1.07
CA HIS A 280 -4.29 2.84 2.35
C HIS A 280 -4.92 4.21 2.13
N ILE A 281 -6.24 4.23 1.99
CA ILE A 281 -6.97 5.46 1.70
C ILE A 281 -8.15 5.58 2.66
N SER A 282 -8.53 6.81 2.97
CA SER A 282 -9.73 7.08 3.73
C SER A 282 -10.86 7.66 2.89
N LYS A 283 -10.56 8.23 1.73
CA LYS A 283 -11.54 8.79 0.82
C LYS A 283 -11.44 8.14 -0.54
N LEU A 284 -12.56 7.95 -1.18
CA LEU A 284 -12.57 7.42 -2.54
C LEU A 284 -12.48 8.56 -3.55
N PRO A 285 -11.94 8.30 -4.73
CA PRO A 285 -12.00 9.32 -5.79
C PRO A 285 -13.44 9.62 -6.16
N LYS A 286 -13.69 10.89 -6.49
CA LYS A 286 -15.06 11.34 -6.75
C LYS A 286 -15.71 10.52 -7.86
N GLY A 287 -16.91 10.04 -7.59
CA GLY A 287 -17.64 9.19 -8.50
C GLY A 287 -17.64 7.72 -8.14
N LYS A 288 -16.71 7.28 -7.28
CA LYS A 288 -16.63 5.90 -6.85
C LYS A 288 -17.34 5.73 -5.51
N HIS A 289 -17.86 4.52 -5.28
CA HIS A 289 -18.62 4.23 -4.07
C HIS A 289 -18.13 3.02 -3.30
N SER A 290 -17.16 2.26 -3.81
CA SER A 290 -16.61 1.11 -3.10
C SER A 290 -15.31 0.70 -3.78
N VAL A 291 -14.55 -0.14 -3.09
CA VAL A 291 -13.29 -0.68 -3.59
C VAL A 291 -13.43 -2.19 -3.66
N LYS A 292 -13.04 -2.77 -4.80
CA LYS A 292 -13.07 -4.22 -5.00
C LYS A 292 -11.65 -4.71 -5.21
N GLY A 293 -11.13 -5.46 -4.24
CA GLY A 293 -9.88 -6.15 -4.41
C GLY A 293 -10.05 -7.35 -5.32
N LEU A 294 -9.42 -7.32 -6.50
CA LEU A 294 -9.58 -8.38 -7.48
C LEU A 294 -8.79 -9.61 -7.03
N GLY A 295 -9.51 -10.69 -6.72
CA GLY A 295 -8.86 -11.93 -6.38
C GLY A 295 -8.66 -12.82 -7.59
N LYS A 296 -7.75 -13.80 -7.44
CA LYS A 296 -7.48 -14.70 -8.55
C LYS A 296 -8.68 -15.59 -8.84
N THR A 297 -9.38 -16.02 -7.79
CA THR A 297 -10.55 -16.88 -7.91
C THR A 297 -11.80 -16.08 -7.56
N THR A 298 -12.79 -16.09 -8.45
CA THR A 298 -14.05 -15.43 -8.20
C THR A 298 -15.19 -16.42 -8.42
N PRO A 299 -16.16 -16.49 -7.52
CA PRO A 299 -17.39 -17.25 -7.81
C PRO A 299 -17.96 -16.88 -9.16
N ASP A 300 -18.25 -17.91 -9.97
CA ASP A 300 -18.72 -17.82 -11.35
C ASP A 300 -19.82 -16.78 -11.50
N PRO A 301 -19.67 -15.82 -12.41
CA PRO A 301 -20.74 -14.83 -12.64
C PRO A 301 -21.94 -15.38 -13.38
N SER A 302 -21.82 -16.55 -14.03
CA SER A 302 -22.96 -17.09 -14.77
C SER A 302 -24.04 -17.62 -13.84
N ALA A 303 -23.67 -18.02 -12.63
CA ALA A 303 -24.61 -18.58 -11.66
C ALA A 303 -25.18 -17.54 -10.72
N ASN A 304 -25.07 -16.25 -11.05
CA ASN A 304 -25.58 -15.20 -10.19
C ASN A 304 -27.11 -15.21 -10.19
N ILE A 305 -27.69 -15.19 -9.00
CA ILE A 305 -29.15 -15.11 -8.83
C ILE A 305 -29.46 -13.91 -7.94
N SER A 306 -30.73 -13.52 -7.94
CA SER A 306 -31.20 -12.37 -7.19
C SER A 306 -32.07 -12.81 -6.02
N LEU A 307 -31.99 -12.05 -4.93
CA LEU A 307 -32.82 -12.27 -3.75
C LEU A 307 -33.25 -10.91 -3.22
N ASP A 308 -34.55 -10.60 -3.32
CA ASP A 308 -35.09 -9.29 -2.97
C ASP A 308 -34.42 -8.19 -3.78
N GLY A 309 -34.16 -8.47 -5.06
CA GLY A 309 -33.50 -7.51 -5.93
C GLY A 309 -32.03 -7.32 -5.66
N VAL A 310 -31.41 -8.25 -4.93
CA VAL A 310 -30.00 -8.16 -4.57
C VAL A 310 -29.27 -9.36 -5.16
N ASP A 311 -28.17 -9.08 -5.86
CA ASP A 311 -27.40 -10.15 -6.48
C ASP A 311 -26.71 -11.01 -5.42
N VAL A 312 -26.69 -12.31 -5.64
CA VAL A 312 -26.09 -13.28 -4.74
C VAL A 312 -25.06 -14.09 -5.52
N PRO A 313 -23.77 -13.78 -5.37
CA PRO A 313 -22.72 -14.52 -6.10
C PRO A 313 -22.39 -15.88 -5.46
N LEU A 314 -23.28 -16.84 -5.66
CA LEU A 314 -23.12 -18.17 -5.10
C LEU A 314 -22.52 -19.17 -6.10
N GLY A 315 -21.87 -18.68 -7.15
CA GLY A 315 -21.27 -19.57 -8.12
C GLY A 315 -20.01 -20.23 -7.61
N THR A 316 -19.63 -21.31 -8.27
CA THR A 316 -18.40 -22.02 -7.92
C THR A 316 -17.18 -21.20 -8.32
N GLY A 317 -16.13 -21.29 -7.50
CA GLY A 317 -14.95 -20.49 -7.71
C GLY A 317 -14.21 -20.87 -8.98
N ILE A 318 -14.02 -19.92 -9.89
CA ILE A 318 -13.26 -20.10 -11.12
C ILE A 318 -12.19 -19.02 -11.19
N SER A 319 -11.30 -19.15 -12.16
CA SER A 319 -10.27 -18.14 -12.37
C SER A 319 -10.90 -16.82 -12.81
N SER A 320 -10.43 -15.72 -12.22
CA SER A 320 -11.06 -14.43 -12.46
C SER A 320 -10.64 -13.81 -13.79
N GLY A 321 -9.47 -14.15 -14.29
CA GLY A 321 -8.92 -13.44 -15.43
C GLY A 321 -8.04 -12.26 -15.07
N VAL A 322 -7.54 -12.21 -13.84
CA VAL A 322 -6.63 -11.16 -13.39
C VAL A 322 -5.30 -11.82 -13.08
N ASN A 323 -4.24 -11.36 -13.76
CA ASN A 323 -2.94 -12.01 -13.67
C ASN A 323 -2.13 -11.51 -12.48
N ASP A 324 -1.96 -10.20 -12.35
CA ASP A 324 -1.15 -9.61 -11.28
C ASP A 324 -2.07 -9.07 -10.19
N THR A 325 -2.29 -9.88 -9.16
CA THR A 325 -3.03 -9.44 -7.99
C THR A 325 -2.42 -10.09 -6.75
N SER A 326 -2.43 -9.34 -5.65
CA SER A 326 -1.96 -9.84 -4.37
C SER A 326 -3.06 -10.48 -3.54
N LEU A 327 -4.20 -10.78 -4.16
CA LEU A 327 -5.37 -11.32 -3.47
C LEU A 327 -5.76 -12.65 -4.11
N LEU A 328 -5.94 -13.67 -3.27
CA LEU A 328 -6.45 -14.95 -3.76
C LEU A 328 -7.94 -14.87 -4.09
N TYR A 329 -8.68 -14.10 -3.29
CA TYR A 329 -10.13 -14.00 -3.42
C TYR A 329 -10.54 -12.54 -3.32
N ASN A 330 -11.78 -12.27 -3.70
CA ASN A 330 -12.27 -10.90 -3.80
C ASN A 330 -12.40 -10.26 -2.42
N GLU A 331 -12.60 -8.94 -2.44
CA GLU A 331 -12.76 -8.16 -1.23
C GLU A 331 -13.53 -6.90 -1.57
N TYR A 332 -14.57 -6.60 -0.78
CA TYR A 332 -15.42 -5.44 -1.02
C TYR A 332 -15.35 -4.52 0.19
N ILE A 333 -15.04 -3.25 -0.05
CA ILE A 333 -14.82 -2.27 1.01
C ILE A 333 -15.67 -1.05 0.73
N VAL A 334 -16.45 -0.63 1.73
CA VAL A 334 -17.21 0.61 1.67
C VAL A 334 -16.70 1.52 2.78
N TYR A 335 -16.83 2.84 2.55
CA TYR A 335 -16.30 3.83 3.46
C TYR A 335 -17.39 4.74 4.02
N ASP A 336 -18.65 4.32 3.87
CA ASP A 336 -19.78 4.98 4.51
C ASP A 336 -20.64 3.91 5.16
N ILE A 337 -20.90 4.06 6.46
CA ILE A 337 -21.64 3.04 7.19
C ILE A 337 -23.07 2.90 6.69
N ALA A 338 -23.62 3.94 6.06
CA ALA A 338 -24.98 3.87 5.54
C ALA A 338 -25.09 2.95 4.32
N GLN A 339 -23.97 2.53 3.73
CA GLN A 339 -23.98 1.67 2.56
C GLN A 339 -24.17 0.19 2.90
N VAL A 340 -24.45 -0.13 4.16
CA VAL A 340 -24.60 -1.51 4.61
C VAL A 340 -25.99 -1.68 5.21
N ASN A 341 -26.70 -2.72 4.77
CA ASN A 341 -28.01 -3.08 5.31
C ASN A 341 -27.94 -4.55 5.71
N LEU A 342 -27.82 -4.81 7.01
CA LEU A 342 -27.67 -6.17 7.50
C LEU A 342 -28.99 -6.91 7.39
N LYS A 343 -28.97 -8.07 6.72
CA LYS A 343 -30.17 -8.85 6.46
C LYS A 343 -30.22 -10.12 7.31
N TYR A 344 -29.21 -10.97 7.22
CA TYR A 344 -29.21 -12.27 7.88
C TYR A 344 -28.01 -12.43 8.79
N LEU A 345 -28.17 -13.28 9.80
CA LEU A 345 -27.10 -13.67 10.71
C LEU A 345 -27.09 -15.18 10.82
N LEU A 346 -25.96 -15.79 10.48
CA LEU A 346 -25.84 -17.25 10.42
C LEU A 346 -25.05 -17.76 11.61
N LYS A 347 -25.38 -18.98 12.03
CA LYS A 347 -24.69 -19.68 13.12
C LYS A 347 -24.07 -20.95 12.53
N LEU A 348 -22.75 -20.96 12.39
CA LEU A 348 -22.05 -22.03 11.71
C LEU A 348 -21.28 -22.90 12.70
N LYS A 349 -21.30 -24.21 12.46
CA LYS A 349 -20.47 -25.16 13.19
C LYS A 349 -19.20 -25.42 12.38
N PHE A 350 -18.04 -25.25 13.02
CA PHE A 350 -16.75 -25.43 12.36
C PHE A 350 -16.24 -26.82 12.68
N ASN A 351 -16.33 -27.73 11.70
CA ASN A 351 -15.83 -29.10 11.85
C ASN A 351 -14.44 -29.15 11.21
N PHE A 352 -13.42 -28.95 12.04
CA PHE A 352 -12.05 -28.95 11.54
C PHE A 352 -11.64 -30.36 11.13
N LYS A 353 -10.91 -30.44 10.02
CA LYS A 353 -10.60 -31.71 9.36
C LYS A 353 -9.09 -31.94 9.35
N THR A 354 -8.69 -33.03 8.67
CA THR A 354 -7.29 -33.47 8.50
C THR A 354 -6.38 -33.20 9.71
N MET B 3 42.86 11.01 -32.81
CA MET B 3 43.52 11.99 -33.67
C MET B 3 42.78 13.32 -33.64
N THR B 4 41.58 13.35 -34.21
CA THR B 4 40.74 14.54 -34.14
C THR B 4 40.22 14.69 -32.72
N LYS B 5 40.64 15.75 -32.04
CA LYS B 5 40.19 16.00 -30.68
C LYS B 5 38.81 16.64 -30.70
N SER B 6 38.01 16.31 -29.68
CA SER B 6 36.62 16.74 -29.64
C SER B 6 36.52 18.26 -29.55
N LYS B 7 35.70 18.85 -30.41
CA LYS B 7 35.39 20.27 -30.36
C LYS B 7 34.23 20.57 -29.42
N LEU B 8 33.81 19.59 -28.63
CA LEU B 8 32.73 19.82 -27.68
C LEU B 8 33.23 20.69 -26.51
N PRO B 9 32.34 21.47 -25.91
CA PRO B 9 32.74 22.27 -24.74
C PRO B 9 33.24 21.37 -23.61
N LYS B 10 34.20 21.90 -22.85
CA LYS B 10 34.80 21.12 -21.79
C LYS B 10 33.80 20.60 -20.75
N PRO B 11 32.78 21.35 -20.33
CA PRO B 11 31.79 20.75 -19.42
C PRO B 11 31.06 19.56 -20.02
N VAL B 12 30.78 19.60 -21.33
CA VAL B 12 30.10 18.47 -21.97
C VAL B 12 31.03 17.27 -22.06
N GLN B 13 32.33 17.51 -22.29
CA GLN B 13 33.28 16.41 -22.37
C GLN B 13 33.40 15.69 -21.03
N ASP B 14 33.47 16.44 -19.93
CA ASP B 14 33.52 15.81 -18.62
C ASP B 14 32.21 15.10 -18.28
N LEU B 15 31.10 15.57 -18.84
CA LEU B 15 29.82 14.88 -18.64
C LEU B 15 29.82 13.53 -19.33
N ILE B 16 30.34 13.47 -20.57
CA ILE B 16 30.40 12.20 -21.28
C ILE B 16 31.33 11.23 -20.57
N LYS B 17 32.52 11.72 -20.18
CA LYS B 17 33.47 10.87 -19.46
C LYS B 17 32.86 10.31 -18.18
N MET B 18 32.19 11.16 -17.42
CA MET B 18 31.60 10.73 -16.16
C MET B 18 30.39 9.81 -16.38
N ILE B 19 29.66 10.01 -17.48
CA ILE B 19 28.48 9.20 -17.75
C ILE B 19 28.87 7.79 -18.16
N PHE B 20 29.90 7.66 -18.99
CA PHE B 20 30.27 6.39 -19.61
C PHE B 20 31.46 5.72 -18.93
N ASP B 21 31.68 5.99 -17.65
CA ASP B 21 32.78 5.36 -16.92
C ASP B 21 32.39 3.94 -16.54
N VAL B 22 33.13 2.97 -17.08
CA VAL B 22 32.84 1.56 -16.78
C VAL B 22 33.12 1.26 -15.32
N GLU B 23 34.18 1.88 -14.76
CA GLU B 23 34.51 1.65 -13.35
C GLU B 23 33.40 2.14 -12.44
N SER B 24 32.74 3.25 -12.80
CA SER B 24 31.61 3.72 -12.02
C SER B 24 30.47 2.71 -12.03
N MET B 25 30.28 2.02 -13.15
CA MET B 25 29.27 0.96 -13.22
C MET B 25 29.63 -0.18 -12.30
N LYS B 26 30.90 -0.58 -12.27
CA LYS B 26 31.33 -1.66 -11.39
C LYS B 26 31.20 -1.26 -9.92
N LYS B 27 31.56 -0.02 -9.60
CA LYS B 27 31.44 0.46 -8.22
C LYS B 27 29.99 0.37 -7.74
N ALA B 28 29.05 0.84 -8.57
CA ALA B 28 27.64 0.78 -8.19
C ALA B 28 27.19 -0.66 -7.99
N MET B 29 27.60 -1.56 -8.89
CA MET B 29 27.19 -2.96 -8.76
C MET B 29 27.71 -3.57 -7.47
N VAL B 30 28.91 -3.18 -7.04
CA VAL B 30 29.44 -3.68 -5.78
C VAL B 30 28.73 -3.02 -4.59
N GLU B 31 28.33 -1.75 -4.73
CA GLU B 31 27.56 -1.09 -3.69
C GLU B 31 26.23 -1.78 -3.42
N TYR B 32 25.80 -2.69 -4.30
CA TYR B 32 24.60 -3.48 -4.10
C TYR B 32 24.91 -4.92 -3.69
N GLU B 33 26.11 -5.16 -3.16
CA GLU B 33 26.52 -6.47 -2.65
C GLU B 33 26.42 -7.56 -3.72
N ILE B 34 26.70 -7.20 -4.97
CA ILE B 34 26.55 -8.10 -6.11
C ILE B 34 27.91 -8.69 -6.47
N ASP B 35 27.92 -9.98 -6.80
CA ASP B 35 29.14 -10.66 -7.23
C ASP B 35 29.43 -10.31 -8.68
N LEU B 36 30.60 -9.71 -8.92
CA LEU B 36 31.01 -9.33 -10.26
C LEU B 36 31.91 -10.37 -10.93
N GLN B 37 32.15 -11.50 -10.28
CA GLN B 37 32.87 -12.62 -10.88
C GLN B 37 31.94 -13.64 -11.51
N LYS B 38 30.80 -13.91 -10.88
CA LYS B 38 29.77 -14.74 -11.49
C LYS B 38 28.76 -13.95 -12.30
N MET B 39 28.66 -12.64 -12.06
CA MET B 39 27.81 -11.75 -12.85
C MET B 39 28.62 -10.55 -13.32
N PRO B 40 29.49 -10.75 -14.31
CA PRO B 40 30.22 -9.62 -14.88
C PRO B 40 29.28 -8.69 -15.64
N LEU B 41 29.77 -7.47 -15.86
CA LEU B 41 28.98 -6.45 -16.54
C LEU B 41 28.65 -6.88 -17.98
N GLY B 42 29.58 -7.56 -18.64
CA GLY B 42 29.33 -8.05 -19.98
C GLY B 42 28.28 -9.14 -20.05
N LYS B 43 27.98 -9.79 -18.94
CA LYS B 43 26.97 -10.84 -18.89
C LYS B 43 25.62 -10.34 -18.37
N LEU B 44 25.46 -9.02 -18.24
CA LEU B 44 24.16 -8.46 -17.91
C LEU B 44 23.25 -8.49 -19.14
N SER B 45 22.00 -8.89 -18.93
CA SER B 45 21.03 -8.91 -20.01
C SER B 45 19.65 -8.61 -19.44
N LYS B 46 18.78 -8.10 -20.32
CA LYS B 46 17.45 -7.70 -19.87
C LYS B 46 16.61 -8.89 -19.45
N ARG B 47 16.76 -10.03 -20.13
CA ARG B 47 15.93 -11.19 -19.82
C ARG B 47 16.26 -11.78 -18.45
N GLN B 48 17.51 -11.64 -18.01
CA GLN B 48 17.87 -12.12 -16.68
C GLN B 48 17.38 -11.16 -15.60
N ILE B 49 17.50 -9.85 -15.85
CA ILE B 49 16.97 -8.86 -14.90
C ILE B 49 15.46 -8.98 -14.80
N GLN B 50 14.80 -9.27 -15.93
CA GLN B 50 13.35 -9.44 -15.90
C GLN B 50 12.94 -10.71 -15.18
N ALA B 51 13.75 -11.76 -15.27
CA ALA B 51 13.45 -13.00 -14.54
C ALA B 51 13.57 -12.78 -13.03
N ALA B 52 14.59 -12.03 -12.61
CA ALA B 52 14.68 -11.67 -11.20
C ALA B 52 13.55 -10.75 -10.77
N TYR B 53 13.08 -9.89 -11.68
CA TYR B 53 11.89 -9.09 -11.41
C TYR B 53 10.69 -9.99 -11.13
N SER B 54 10.54 -11.07 -11.90
CA SER B 54 9.40 -11.96 -11.71
C SER B 54 9.53 -12.77 -10.42
N ILE B 55 10.73 -13.26 -10.12
CA ILE B 55 10.95 -13.97 -8.87
C ILE B 55 10.72 -13.03 -7.69
N LEU B 56 11.15 -11.77 -7.83
CA LEU B 56 10.86 -10.77 -6.81
C LEU B 56 9.35 -10.57 -6.65
N SER B 57 8.59 -10.68 -7.75
CA SER B 57 7.14 -10.59 -7.65
C SER B 57 6.54 -11.83 -7.02
N GLU B 58 7.22 -12.98 -7.13
CA GLU B 58 6.75 -14.16 -6.43
C GLU B 58 7.04 -14.07 -4.94
N VAL B 59 8.17 -13.49 -4.57
CA VAL B 59 8.44 -13.22 -3.16
C VAL B 59 7.36 -12.30 -2.59
N GLN B 60 7.07 -11.21 -3.31
CA GLN B 60 6.07 -10.24 -2.84
C GLN B 60 4.73 -10.90 -2.54
N GLN B 61 4.36 -11.93 -3.32
CA GLN B 61 3.09 -12.60 -3.07
C GLN B 61 3.15 -13.40 -1.77
N ALA B 62 4.25 -14.10 -1.53
CA ALA B 62 4.41 -14.83 -0.27
C ALA B 62 4.47 -13.88 0.91
N VAL B 63 5.09 -12.71 0.72
CA VAL B 63 5.08 -11.69 1.77
C VAL B 63 3.67 -11.19 2.04
N SER B 64 2.90 -10.95 0.98
CA SER B 64 1.54 -10.47 1.15
C SER B 64 0.66 -11.51 1.85
N GLN B 65 0.78 -12.77 1.43
CA GLN B 65 0.03 -13.84 2.08
C GLN B 65 0.74 -14.31 3.35
N GLY B 66 0.77 -15.62 3.57
CA GLY B 66 1.46 -16.15 4.73
C GLY B 66 2.97 -16.20 4.51
N SER B 67 3.71 -15.77 5.53
CA SER B 67 5.17 -15.71 5.46
C SER B 67 5.77 -16.96 6.09
N SER B 68 5.64 -18.07 5.36
CA SER B 68 6.30 -19.32 5.74
C SER B 68 7.81 -19.13 5.61
N ASP B 69 8.53 -19.18 6.74
CA ASP B 69 9.96 -18.95 6.72
C ASP B 69 10.68 -19.93 5.79
N SER B 70 10.13 -21.13 5.63
CA SER B 70 10.72 -22.13 4.75
C SER B 70 10.27 -21.99 3.30
N GLN B 71 9.15 -21.31 3.04
CA GLN B 71 8.75 -21.02 1.67
C GLN B 71 9.41 -19.74 1.15
N ILE B 72 9.43 -18.69 1.98
CA ILE B 72 10.18 -17.49 1.67
C ILE B 72 11.66 -17.82 1.44
N LEU B 73 12.13 -18.92 2.03
CA LEU B 73 13.50 -19.36 1.80
C LEU B 73 13.71 -19.82 0.35
N ASP B 74 12.80 -20.66 -0.15
CA ASP B 74 12.95 -21.18 -1.51
C ASP B 74 12.85 -20.07 -2.55
N LEU B 75 12.11 -19.00 -2.26
CA LEU B 75 11.92 -17.93 -3.21
C LEU B 75 13.04 -16.89 -3.16
N SER B 76 13.65 -16.68 -1.99
CA SER B 76 14.78 -15.77 -1.90
C SER B 76 16.00 -16.32 -2.62
N ASN B 77 16.26 -17.62 -2.45
CA ASN B 77 17.41 -18.24 -3.10
C ASN B 77 17.21 -18.37 -4.60
N ARG B 78 15.97 -18.36 -5.08
CA ARG B 78 15.73 -18.33 -6.52
C ARG B 78 16.15 -16.99 -7.11
N PHE B 79 15.95 -15.90 -6.36
CA PHE B 79 16.39 -14.59 -6.81
C PHE B 79 17.91 -14.51 -6.82
N TYR B 80 18.56 -15.01 -5.76
CA TYR B 80 20.01 -15.01 -5.69
C TYR B 80 20.65 -15.91 -6.74
N THR B 81 19.87 -16.78 -7.37
CA THR B 81 20.39 -17.60 -8.47
C THR B 81 20.46 -16.80 -9.77
N LEU B 82 19.42 -16.03 -10.08
CA LEU B 82 19.43 -15.23 -11.30
C LEU B 82 20.37 -14.03 -11.17
N ILE B 83 20.47 -13.45 -9.99
CA ILE B 83 21.41 -12.37 -9.71
C ILE B 83 22.38 -12.85 -8.63
N PRO B 84 23.53 -13.38 -9.02
CA PRO B 84 24.54 -13.76 -8.03
C PRO B 84 25.01 -12.58 -7.19
N HIS B 85 25.14 -12.82 -5.90
CA HIS B 85 25.63 -11.83 -4.94
C HIS B 85 26.93 -12.32 -4.32
N ASP B 86 27.58 -11.44 -3.57
CA ASP B 86 28.83 -11.76 -2.90
C ASP B 86 28.54 -12.17 -1.46
N PHE B 87 28.41 -13.48 -1.24
CA PHE B 87 28.29 -14.03 0.10
C PHE B 87 29.25 -15.20 0.33
N GLY B 88 30.17 -15.45 -0.60
CA GLY B 88 31.15 -16.49 -0.42
C GLY B 88 30.49 -17.86 -0.35
N MET B 89 31.08 -18.75 0.44
CA MET B 89 30.50 -20.05 0.71
C MET B 89 29.56 -20.02 1.91
N LYS B 90 28.99 -18.86 2.22
CA LYS B 90 28.02 -18.71 3.29
C LYS B 90 26.60 -18.72 2.70
N LYS B 91 25.62 -18.74 3.60
CA LYS B 91 24.26 -18.64 3.08
C LYS B 91 23.85 -17.19 2.93
N PRO B 92 23.17 -16.85 1.83
CA PRO B 92 22.70 -15.47 1.64
C PRO B 92 21.68 -15.10 2.70
N PRO B 93 21.32 -13.81 2.79
CA PRO B 93 20.22 -13.42 3.69
C PRO B 93 18.87 -13.95 3.23
N LEU B 94 17.80 -13.23 3.57
CA LEU B 94 16.46 -13.72 3.28
C LEU B 94 15.53 -12.55 3.02
N LEU B 95 14.63 -12.73 2.05
CA LEU B 95 13.64 -11.72 1.67
C LEU B 95 12.29 -12.17 2.20
N ASN B 96 11.69 -11.34 3.07
CA ASN B 96 10.47 -11.76 3.75
C ASN B 96 9.53 -10.59 4.02
N ASN B 97 9.96 -9.37 3.74
CA ASN B 97 9.17 -8.19 4.03
C ASN B 97 9.17 -7.26 2.82
N ALA B 98 8.22 -6.33 2.82
CA ALA B 98 8.09 -5.40 1.71
C ALA B 98 9.31 -4.49 1.59
N ASP B 99 9.98 -4.20 2.71
CA ASP B 99 11.16 -3.36 2.66
C ASP B 99 12.33 -4.07 2.00
N SER B 100 12.35 -5.40 2.06
CA SER B 100 13.38 -6.15 1.34
C SER B 100 13.07 -6.21 -0.15
N VAL B 101 11.79 -6.18 -0.52
CA VAL B 101 11.43 -6.23 -1.94
C VAL B 101 11.71 -4.88 -2.62
N GLN B 102 11.34 -3.78 -1.95
CA GLN B 102 11.59 -2.46 -2.53
C GLN B 102 13.07 -2.17 -2.66
N ALA B 103 13.90 -2.72 -1.77
CA ALA B 103 15.34 -2.53 -1.88
C ALA B 103 15.91 -3.28 -3.06
N LYS B 104 15.45 -4.53 -3.27
CA LYS B 104 15.93 -5.30 -4.40
C LYS B 104 15.30 -4.85 -5.72
N ALA B 105 14.11 -4.25 -5.66
CA ALA B 105 13.51 -3.71 -6.88
C ALA B 105 14.23 -2.46 -7.34
N GLU B 106 14.61 -1.59 -6.40
CA GLU B 106 15.40 -0.42 -6.76
C GLU B 106 16.77 -0.81 -7.30
N MET B 107 17.34 -1.92 -6.79
CA MET B 107 18.61 -2.41 -7.33
C MET B 107 18.46 -2.85 -8.77
N LEU B 108 17.33 -3.51 -9.10
CA LEU B 108 17.14 -4.00 -10.46
C LEU B 108 16.86 -2.87 -11.44
N ASP B 109 16.32 -1.75 -10.95
CA ASP B 109 16.16 -0.57 -11.81
C ASP B 109 17.52 -0.03 -12.25
N ASN B 110 18.47 0.06 -11.31
CA ASN B 110 19.81 0.53 -11.66
C ASN B 110 20.55 -0.51 -12.47
N LEU B 111 20.35 -1.80 -12.16
CA LEU B 111 20.97 -2.86 -12.95
C LEU B 111 20.49 -2.84 -14.39
N LEU B 112 19.21 -2.51 -14.59
CA LEU B 112 18.66 -2.42 -15.94
C LEU B 112 19.15 -1.18 -16.67
N ASP B 113 19.37 -0.08 -15.93
CA ASP B 113 19.93 1.11 -16.54
C ASP B 113 21.42 0.98 -16.79
N ILE B 114 22.13 0.26 -15.92
CA ILE B 114 23.56 0.05 -16.12
C ILE B 114 23.80 -0.81 -17.35
N GLU B 115 22.96 -1.82 -17.57
CA GLU B 115 23.12 -2.69 -18.74
C GLU B 115 22.94 -1.92 -20.03
N VAL B 116 21.93 -1.05 -20.10
CA VAL B 116 21.69 -0.26 -21.30
C VAL B 116 22.88 0.63 -21.59
N ALA B 117 23.51 1.18 -20.55
CA ALA B 117 24.70 2.01 -20.73
C ALA B 117 25.84 1.20 -21.31
N TYR B 118 26.11 0.03 -20.75
CA TYR B 118 27.21 -0.79 -21.25
C TYR B 118 26.90 -1.37 -22.62
N SER B 119 25.63 -1.62 -22.93
CA SER B 119 25.26 -2.11 -24.25
C SER B 119 25.55 -1.05 -25.32
N LEU B 120 25.30 0.22 -25.00
CA LEU B 120 25.67 1.29 -25.91
C LEU B 120 27.18 1.34 -26.11
N LEU B 121 27.95 1.15 -25.03
CA LEU B 121 29.39 1.31 -25.10
C LEU B 121 30.04 0.22 -25.93
N ARG B 122 29.53 -1.02 -25.84
CA ARG B 122 30.15 -2.13 -26.54
C ARG B 122 29.52 -2.40 -27.91
N GLY B 123 28.32 -1.91 -28.15
CA GLY B 123 27.70 -2.03 -29.45
C GLY B 123 28.24 -1.01 -30.43
N GLY B 124 27.72 -1.08 -31.65
CA GLY B 124 28.11 -0.13 -32.67
C GLY B 124 29.56 -0.29 -33.12
N SER B 125 30.01 0.71 -33.87
CA SER B 125 31.35 0.72 -34.42
C SER B 125 32.32 1.46 -33.49
N ASP B 126 33.60 1.33 -33.79
CA ASP B 126 34.64 2.10 -33.13
C ASP B 126 35.59 2.64 -34.19
N ASP B 127 35.84 3.95 -34.14
CA ASP B 127 36.66 4.64 -35.14
C ASP B 127 37.98 5.03 -34.49
N SER B 128 39.07 4.43 -34.96
CA SER B 128 40.38 4.68 -34.36
C SER B 128 40.80 6.13 -34.47
N SER B 129 40.27 6.88 -35.44
CA SER B 129 40.63 8.28 -35.62
C SER B 129 39.74 9.23 -34.83
N LYS B 130 38.52 8.83 -34.49
CA LYS B 130 37.58 9.72 -33.82
C LYS B 130 37.83 9.73 -32.32
N ASP B 131 37.51 10.87 -31.70
CA ASP B 131 37.62 11.00 -30.25
C ASP B 131 36.55 10.16 -29.58
N PRO B 132 36.91 9.31 -28.61
CA PRO B 132 35.89 8.53 -27.90
C PRO B 132 34.83 9.39 -27.23
N ILE B 133 35.18 10.61 -26.81
CA ILE B 133 34.18 11.52 -26.27
C ILE B 133 33.13 11.87 -27.33
N ASP B 134 33.58 12.12 -28.55
CA ASP B 134 32.64 12.42 -29.63
C ASP B 134 31.79 11.21 -29.97
N VAL B 135 32.37 10.01 -29.94
CA VAL B 135 31.64 8.82 -30.32
C VAL B 135 30.53 8.52 -29.31
N ASN B 136 30.85 8.60 -28.02
CA ASN B 136 29.86 8.29 -27.00
C ASN B 136 28.79 9.38 -26.90
N TYR B 137 29.14 10.63 -27.25
CA TYR B 137 28.16 11.70 -27.22
C TYR B 137 27.06 11.48 -28.24
N GLU B 138 27.44 11.07 -29.47
CA GLU B 138 26.43 10.79 -30.49
C GLU B 138 25.63 9.53 -30.18
N LYS B 139 26.17 8.64 -29.34
CA LYS B 139 25.43 7.44 -28.95
C LYS B 139 24.21 7.76 -28.09
N LEU B 140 24.23 8.90 -27.39
CA LEU B 140 23.10 9.27 -26.54
C LEU B 140 21.90 9.77 -27.32
N LYS B 141 22.08 10.14 -28.58
CA LYS B 141 21.02 10.74 -29.39
C LYS B 141 20.40 11.94 -28.67
N THR B 142 21.25 12.76 -28.07
CA THR B 142 20.82 13.87 -27.25
C THR B 142 21.64 15.10 -27.57
N ASP B 143 20.96 16.25 -27.68
CA ASP B 143 21.62 17.53 -27.85
C ASP B 143 21.92 18.11 -26.48
N ILE B 144 23.19 18.43 -26.22
CA ILE B 144 23.63 18.91 -24.91
C ILE B 144 24.34 20.25 -25.13
N LYS B 145 23.72 21.33 -24.68
CA LYS B 145 24.30 22.66 -24.75
C LYS B 145 24.58 23.18 -23.35
N VAL B 146 25.69 23.89 -23.20
CA VAL B 146 26.01 24.52 -21.92
C VAL B 146 25.22 25.81 -21.80
N VAL B 147 24.50 25.96 -20.68
CA VAL B 147 23.70 27.14 -20.43
C VAL B 147 24.60 28.27 -19.95
N ASP B 148 24.46 29.44 -20.56
CA ASP B 148 25.23 30.61 -20.15
C ASP B 148 24.95 30.93 -18.69
N ARG B 149 26.02 31.16 -17.92
CA ARG B 149 25.86 31.51 -16.51
C ARG B 149 25.01 32.75 -16.34
N ASP B 150 25.29 33.79 -17.13
CA ASP B 150 24.60 35.07 -17.00
C ASP B 150 23.22 35.08 -17.64
N SER B 151 22.69 33.91 -18.00
CA SER B 151 21.37 33.86 -18.62
C SER B 151 20.28 33.86 -17.55
N GLU B 152 19.06 34.16 -18.00
CA GLU B 152 17.91 34.17 -17.11
C GLU B 152 17.42 32.77 -16.78
N GLU B 153 17.69 31.80 -17.65
CA GLU B 153 17.41 30.41 -17.31
C GLU B 153 18.27 29.95 -16.14
N ALA B 154 19.53 30.37 -16.12
CA ALA B 154 20.41 30.01 -15.01
C ALA B 154 20.01 30.72 -13.73
N GLU B 155 19.47 31.93 -13.83
CA GLU B 155 19.01 32.65 -12.65
C GLU B 155 17.87 31.89 -11.96
N ILE B 156 16.92 31.40 -12.74
CA ILE B 156 15.78 30.69 -12.18
C ILE B 156 16.20 29.33 -11.64
N ILE B 157 17.04 28.62 -12.39
CA ILE B 157 17.47 27.28 -11.97
C ILE B 157 18.29 27.35 -10.69
N ARG B 158 19.18 28.35 -10.60
CA ARG B 158 19.98 28.50 -9.38
C ARG B 158 19.10 28.87 -8.19
N LYS B 159 18.10 29.72 -8.41
CA LYS B 159 17.16 30.05 -7.33
C LYS B 159 16.32 28.83 -6.94
N TYR B 160 15.98 27.98 -7.91
CA TYR B 160 15.29 26.73 -7.61
C TYR B 160 16.13 25.85 -6.70
N VAL B 161 17.43 25.73 -6.99
CA VAL B 161 18.32 24.94 -6.14
C VAL B 161 18.50 25.60 -4.79
N LYS B 162 18.55 26.94 -4.76
CA LYS B 162 18.89 27.68 -3.56
C LYS B 162 17.73 27.72 -2.56
N ASN B 163 16.48 27.61 -3.03
CA ASN B 163 15.33 27.83 -2.18
C ASN B 163 14.62 26.56 -1.73
N THR B 164 14.87 25.42 -2.39
CA THR B 164 14.11 24.20 -2.13
C THR B 164 14.98 23.10 -1.49
N HIS B 165 16.03 23.48 -0.78
CA HIS B 165 16.82 22.52 -0.01
C HIS B 165 16.17 22.37 1.36
N ALA B 166 15.66 21.18 1.64
CA ALA B 166 14.90 20.95 2.86
C ALA B 166 15.81 20.92 4.09
N THR B 167 15.26 21.35 5.22
CA THR B 167 16.01 21.35 6.47
C THR B 167 16.24 19.93 6.99
N THR B 168 15.36 19.00 6.65
CA THR B 168 15.59 17.62 7.06
C THR B 168 16.72 16.96 6.29
N HIS B 169 17.27 17.63 5.28
CA HIS B 169 18.42 17.12 4.55
C HIS B 169 19.62 18.04 4.76
N ASN B 170 19.94 18.30 6.03
CA ASN B 170 21.01 19.23 6.41
C ASN B 170 22.35 18.54 6.62
N ALA B 171 22.60 17.43 5.96
CA ALA B 171 23.91 16.79 6.04
C ALA B 171 24.83 17.22 4.91
N TYR B 172 24.33 18.00 3.95
CA TYR B 172 25.12 18.44 2.82
C TYR B 172 24.51 19.73 2.27
N ASP B 173 25.32 20.46 1.50
CA ASP B 173 24.84 21.59 0.73
C ASP B 173 25.17 21.35 -0.74
N LEU B 174 24.33 21.90 -1.60
CA LEU B 174 24.42 21.67 -3.04
C LEU B 174 25.02 22.89 -3.73
N GLU B 175 26.09 22.67 -4.48
CA GLU B 175 26.73 23.72 -5.27
C GLU B 175 26.60 23.36 -6.74
N VAL B 176 25.91 24.21 -7.51
CA VAL B 176 25.73 23.96 -8.93
C VAL B 176 27.03 24.26 -9.66
N ILE B 177 27.50 23.30 -10.45
CA ILE B 177 28.75 23.44 -11.19
C ILE B 177 28.44 23.79 -12.64
N ASP B 178 27.74 22.90 -13.33
CA ASP B 178 27.41 23.08 -14.74
C ASP B 178 25.91 22.92 -14.92
N ILE B 179 25.34 23.72 -15.81
CA ILE B 179 23.93 23.64 -16.18
C ILE B 179 23.86 23.33 -17.67
N PHE B 180 23.25 22.20 -18.01
CA PHE B 180 23.13 21.76 -19.39
C PHE B 180 21.67 21.82 -19.84
N LYS B 181 21.46 22.32 -21.05
CA LYS B 181 20.16 22.28 -21.69
C LYS B 181 20.15 21.10 -22.66
N ILE B 182 19.23 20.16 -22.44
CA ILE B 182 19.20 18.92 -23.19
C ILE B 182 17.91 18.82 -23.99
N GLU B 183 18.02 18.19 -25.15
CA GLU B 183 16.87 17.93 -26.02
C GLU B 183 17.03 16.53 -26.61
N ARG B 184 16.32 15.57 -26.02
CA ARG B 184 16.39 14.20 -26.50
C ARG B 184 15.78 14.09 -27.89
N GLU B 185 16.40 13.24 -28.73
CA GLU B 185 15.94 13.07 -30.10
C GLU B 185 14.52 12.52 -30.13
N GLY B 186 13.61 13.24 -30.77
CA GLY B 186 12.24 12.81 -30.93
C GLY B 186 11.36 12.94 -29.71
N GLU B 187 11.91 13.35 -28.56
CA GLU B 187 11.10 13.45 -27.35
C GLU B 187 10.08 14.59 -27.45
N CYS B 188 10.47 15.70 -28.10
CA CYS B 188 9.55 16.81 -28.26
C CYS B 188 8.32 16.43 -29.06
N GLN B 189 8.49 15.55 -30.06
CA GLN B 189 7.34 15.07 -30.82
C GLN B 189 6.47 14.14 -29.98
N ARG B 190 7.10 13.30 -29.14
CA ARG B 190 6.33 12.41 -28.27
C ARG B 190 5.54 13.19 -27.22
N TYR B 191 6.07 14.33 -26.78
CA TYR B 191 5.40 15.16 -25.78
C TYR B 191 4.29 16.01 -26.35
N LYS B 192 4.18 16.09 -27.68
CA LYS B 192 3.21 16.99 -28.30
C LYS B 192 1.77 16.82 -27.83
N PRO B 193 1.24 15.61 -27.64
CA PRO B 193 -0.15 15.50 -27.15
C PRO B 193 -0.38 16.11 -25.78
N PHE B 194 0.66 16.36 -24.99
CA PHE B 194 0.53 16.96 -23.67
C PHE B 194 1.14 18.35 -23.58
N LYS B 195 1.54 18.93 -24.72
CA LYS B 195 2.26 20.19 -24.69
C LYS B 195 1.42 21.31 -24.10
N GLN B 196 0.13 21.36 -24.45
CA GLN B 196 -0.76 22.41 -23.98
C GLN B 196 -1.63 21.96 -22.81
N LEU B 197 -1.34 20.80 -22.22
CA LEU B 197 -2.12 20.33 -21.09
C LEU B 197 -1.95 21.28 -19.91
N HIS B 198 -3.03 21.43 -19.14
CA HIS B 198 -2.98 22.31 -17.97
C HIS B 198 -2.15 21.68 -16.87
N ASN B 199 -1.67 22.53 -15.95
CA ASN B 199 -0.90 22.12 -14.78
C ASN B 199 0.40 21.43 -15.19
N ARG B 200 1.22 22.17 -15.94
CA ARG B 200 2.55 21.73 -16.33
C ARG B 200 3.58 22.37 -15.41
N ARG B 201 4.48 21.56 -14.87
CA ARG B 201 5.42 22.03 -13.86
C ARG B 201 6.81 21.47 -14.12
N LEU B 202 7.82 22.32 -13.90
CA LEU B 202 9.22 21.89 -13.96
C LEU B 202 9.60 21.27 -12.63
N LEU B 203 10.01 20.01 -12.65
CA LEU B 203 10.27 19.26 -11.42
C LEU B 203 11.63 18.58 -11.49
N TRP B 204 12.09 18.12 -10.33
CA TRP B 204 13.39 17.48 -10.18
C TRP B 204 13.27 15.96 -10.33
N HIS B 205 14.36 15.35 -10.79
CA HIS B 205 14.49 13.89 -10.77
C HIS B 205 15.97 13.57 -10.65
N GLY B 206 16.36 13.00 -9.51
CA GLY B 206 17.74 12.61 -9.29
C GLY B 206 17.91 11.11 -9.47
N SER B 207 19.13 10.72 -9.84
CA SER B 207 19.45 9.31 -10.05
C SER B 207 20.96 9.14 -9.94
N ARG B 208 21.39 7.89 -9.82
CA ARG B 208 22.81 7.59 -9.81
C ARG B 208 23.43 8.01 -11.13
N THR B 209 24.71 8.39 -11.08
CA THR B 209 25.40 8.86 -12.28
C THR B 209 25.48 7.75 -13.33
N THR B 210 25.55 6.49 -12.90
CA THR B 210 25.65 5.37 -13.82
C THR B 210 24.33 5.04 -14.50
N ASN B 211 23.28 5.82 -14.26
CA ASN B 211 21.99 5.61 -14.89
C ASN B 211 21.71 6.57 -16.04
N PHE B 212 22.52 7.62 -16.19
CA PHE B 212 22.18 8.69 -17.11
C PHE B 212 22.47 8.36 -18.57
N ALA B 213 23.38 7.44 -18.84
CA ALA B 213 23.57 6.99 -20.22
C ALA B 213 22.32 6.31 -20.75
N GLY B 214 21.59 5.61 -19.89
CA GLY B 214 20.31 5.04 -20.29
C GLY B 214 19.17 6.03 -20.25
N ILE B 215 19.24 7.00 -19.34
CA ILE B 215 18.19 8.03 -19.25
C ILE B 215 18.24 8.95 -20.46
N LEU B 216 19.44 9.40 -20.83
CA LEU B 216 19.55 10.28 -21.99
C LEU B 216 19.29 9.53 -23.29
N SER B 217 19.49 8.22 -23.31
CA SER B 217 19.26 7.44 -24.52
C SER B 217 17.78 7.07 -24.66
N GLN B 218 17.22 6.41 -23.65
CA GLN B 218 15.87 5.87 -23.72
C GLN B 218 14.84 6.70 -22.98
N GLY B 219 15.23 7.83 -22.41
CA GLY B 219 14.31 8.64 -21.64
C GLY B 219 14.03 8.03 -20.28
N LEU B 220 13.26 8.77 -19.49
CA LEU B 220 12.80 8.25 -18.20
C LEU B 220 11.76 7.16 -18.43
N ARG B 221 12.05 5.95 -17.98
CA ARG B 221 11.21 4.79 -18.23
C ARG B 221 10.44 4.39 -16.98
N ILE B 222 9.47 3.51 -17.19
CA ILE B 222 8.67 2.92 -16.12
C ILE B 222 9.20 1.51 -15.87
N ALA B 223 9.13 1.06 -14.63
CA ALA B 223 9.56 -0.29 -14.29
C ALA B 223 8.85 -1.30 -15.19
N PRO B 224 9.54 -2.34 -15.65
CA PRO B 224 8.96 -3.27 -16.61
C PRO B 224 7.77 -4.02 -16.01
N PRO B 225 6.96 -4.68 -16.84
CA PRO B 225 5.79 -5.39 -16.31
C PRO B 225 6.14 -6.46 -15.28
N GLU B 226 7.32 -7.06 -15.37
CA GLU B 226 7.72 -8.11 -14.43
C GLU B 226 8.09 -7.55 -13.06
N ALA B 227 8.23 -6.23 -12.93
CA ALA B 227 8.62 -5.65 -11.66
C ALA B 227 7.45 -5.73 -10.66
N PRO B 228 7.75 -5.89 -9.38
CA PRO B 228 6.69 -5.88 -8.36
C PRO B 228 6.16 -4.48 -8.15
N VAL B 229 4.86 -4.29 -8.37
CA VAL B 229 4.26 -2.97 -8.23
C VAL B 229 4.30 -2.51 -6.78
N THR B 230 4.29 -3.44 -5.83
CA THR B 230 4.37 -3.07 -4.41
C THR B 230 5.79 -2.68 -3.98
N GLY B 231 6.79 -2.86 -4.84
CA GLY B 231 8.11 -2.36 -4.56
C GLY B 231 8.28 -0.87 -4.71
N TYR B 232 7.19 -0.16 -5.03
CA TYR B 232 7.20 1.28 -5.19
C TYR B 232 5.97 1.85 -4.50
N MET B 233 6.14 3.02 -3.88
CA MET B 233 5.11 3.54 -2.98
C MET B 233 3.82 3.86 -3.74
N PHE B 234 3.94 4.37 -4.96
CA PHE B 234 2.77 4.76 -5.75
C PHE B 234 2.72 4.01 -7.09
N GLY B 235 3.17 2.77 -7.10
CA GLY B 235 3.10 1.96 -8.30
C GLY B 235 4.25 2.21 -9.25
N LYS B 236 4.13 1.61 -10.43
CA LYS B 236 5.19 1.66 -11.45
C LYS B 236 4.97 2.90 -12.31
N GLY B 237 5.56 4.01 -11.88
CA GLY B 237 5.52 5.25 -12.65
C GLY B 237 6.85 5.96 -12.62
N ILE B 238 6.87 7.21 -13.06
CA ILE B 238 8.08 8.04 -13.05
C ILE B 238 7.92 9.09 -11.95
N TYR B 239 8.83 9.07 -10.98
CA TYR B 239 8.70 9.88 -9.77
C TYR B 239 9.47 11.18 -9.91
N PHE B 240 8.85 12.27 -9.51
CA PHE B 240 9.49 13.59 -9.49
C PHE B 240 9.24 14.25 -8.15
N ALA B 241 10.03 15.28 -7.86
CA ALA B 241 9.91 16.05 -6.63
C ALA B 241 9.99 17.53 -6.96
N ASP B 242 9.63 18.37 -5.98
CA ASP B 242 9.78 19.81 -6.10
C ASP B 242 10.81 20.40 -5.15
N MET B 243 11.32 19.61 -4.21
CA MET B 243 12.45 20.01 -3.38
C MET B 243 13.72 19.39 -3.94
N VAL B 244 14.71 20.24 -4.23
CA VAL B 244 15.92 19.76 -4.89
C VAL B 244 16.67 18.75 -4.03
N SER B 245 16.53 18.84 -2.71
CA SER B 245 17.24 17.91 -1.83
C SER B 245 16.55 16.55 -1.78
N LYS B 246 15.24 16.50 -2.03
CA LYS B 246 14.56 15.22 -2.08
C LYS B 246 15.03 14.40 -3.27
N SER B 247 15.28 15.06 -4.41
CA SER B 247 15.79 14.36 -5.58
C SER B 247 17.29 14.13 -5.50
N ALA B 248 18.03 15.05 -4.87
CA ALA B 248 19.47 14.89 -4.76
C ALA B 248 19.83 13.68 -3.90
N ASN B 249 18.94 13.28 -2.99
CA ASN B 249 19.19 12.09 -2.19
C ASN B 249 19.21 10.83 -3.05
N TYR B 250 18.52 10.85 -4.19
CA TYR B 250 18.51 9.71 -5.09
C TYR B 250 19.73 9.68 -6.01
N CYS B 251 20.55 10.72 -6.00
CA CYS B 251 21.85 10.63 -6.65
C CYS B 251 22.77 9.63 -5.95
N HIS B 252 22.48 9.32 -4.69
CA HIS B 252 23.28 8.38 -3.89
C HIS B 252 24.75 8.80 -3.89
N THR B 253 24.97 10.09 -3.68
CA THR B 253 26.31 10.65 -3.60
C THR B 253 26.90 10.41 -2.21
N SER B 254 28.19 10.11 -2.17
CA SER B 254 28.88 9.82 -0.92
C SER B 254 30.09 10.75 -0.78
N GLN B 255 30.78 10.63 0.35
CA GLN B 255 32.01 11.41 0.55
C GLN B 255 33.07 11.01 -0.46
N GLY B 256 33.16 9.72 -0.78
CA GLY B 256 34.09 9.20 -1.76
C GLY B 256 33.66 9.35 -3.20
N ASP B 257 32.55 10.05 -3.45
CA ASP B 257 32.08 10.35 -4.78
C ASP B 257 31.09 11.51 -4.71
N PRO B 258 31.58 12.74 -4.55
CA PRO B 258 30.70 13.87 -4.24
C PRO B 258 30.04 14.54 -5.43
N ILE B 259 30.27 14.09 -6.66
CA ILE B 259 29.70 14.70 -7.85
C ILE B 259 28.46 13.91 -8.26
N GLY B 260 27.35 14.62 -8.47
CA GLY B 260 26.12 13.98 -8.88
C GLY B 260 25.44 14.75 -10.00
N LEU B 261 24.48 14.08 -10.63
CA LEU B 261 23.72 14.65 -11.74
C LEU B 261 22.23 14.60 -11.41
N ILE B 262 21.53 15.70 -11.71
CA ILE B 262 20.10 15.81 -11.46
C ILE B 262 19.43 16.32 -12.73
N LEU B 263 18.14 16.02 -12.85
CA LEU B 263 17.36 16.36 -14.03
C LEU B 263 16.31 17.41 -13.70
N LEU B 264 15.97 18.22 -14.69
CA LEU B 264 14.86 19.17 -14.61
C LEU B 264 13.96 18.92 -15.81
N GLY B 265 12.78 18.38 -15.56
CA GLY B 265 11.88 17.96 -16.63
C GLY B 265 10.52 18.62 -16.52
N GLU B 266 9.93 18.91 -17.68
CA GLU B 266 8.56 19.41 -17.75
C GLU B 266 7.60 18.24 -17.66
N VAL B 267 6.78 18.20 -16.62
CA VAL B 267 5.88 17.08 -16.35
C VAL B 267 4.45 17.57 -16.53
N ALA B 268 3.70 16.88 -17.40
CA ALA B 268 2.29 17.18 -17.62
C ALA B 268 1.48 16.48 -16.55
N LEU B 269 1.16 17.21 -15.47
CA LEU B 269 0.44 16.62 -14.35
C LEU B 269 -1.05 16.58 -14.57
N GLY B 270 -1.63 17.67 -15.10
CA GLY B 270 -3.05 17.70 -15.35
C GLY B 270 -3.85 17.57 -14.07
N ASN B 271 -4.93 16.80 -14.14
CA ASN B 271 -5.77 16.54 -12.97
C ASN B 271 -5.03 15.58 -12.04
N MET B 272 -4.59 16.10 -10.89
CA MET B 272 -3.78 15.32 -9.97
C MET B 272 -4.65 14.45 -9.07
N TYR B 273 -4.17 13.23 -8.79
CA TYR B 273 -4.81 12.33 -7.84
C TYR B 273 -4.04 12.44 -6.53
N GLU B 274 -4.57 13.22 -5.59
CA GLU B 274 -3.86 13.53 -4.35
C GLU B 274 -4.00 12.38 -3.37
N LEU B 275 -2.86 11.90 -2.86
CA LEU B 275 -2.81 10.79 -1.93
C LEU B 275 -1.86 11.12 -0.78
N LYS B 276 -2.11 10.49 0.37
CA LYS B 276 -1.29 10.70 1.55
C LYS B 276 -0.50 9.48 1.97
N HIS B 277 -0.79 8.31 1.42
CA HIS B 277 -0.15 7.07 1.85
C HIS B 277 0.09 6.19 0.62
N ALA B 278 0.72 5.03 0.86
CA ALA B 278 1.09 4.15 -0.23
C ALA B 278 -0.15 3.63 -0.96
N SER B 279 -0.06 3.57 -2.29
CA SER B 279 -1.15 3.05 -3.11
C SER B 279 -0.51 2.42 -4.35
N HIS B 280 -0.30 1.10 -4.29
CA HIS B 280 0.38 0.37 -5.36
C HIS B 280 -0.61 0.13 -6.49
N ILE B 281 -0.52 0.93 -7.55
CA ILE B 281 -1.45 0.88 -8.66
C ILE B 281 -0.68 0.74 -9.96
N SER B 282 -1.41 0.38 -11.02
CA SER B 282 -0.88 0.38 -12.38
C SER B 282 -1.59 1.38 -13.28
N LYS B 283 -2.90 1.55 -13.10
CA LYS B 283 -3.67 2.56 -13.82
C LYS B 283 -4.26 3.55 -12.83
N LEU B 284 -4.50 4.77 -13.31
CA LEU B 284 -5.17 5.78 -12.54
C LEU B 284 -6.69 5.61 -12.66
N PRO B 285 -7.46 6.21 -11.76
CA PRO B 285 -8.90 6.30 -11.99
C PRO B 285 -9.18 7.20 -13.18
N LYS B 286 -10.35 6.97 -13.81
CA LYS B 286 -10.70 7.69 -15.02
C LYS B 286 -10.75 9.20 -14.76
N GLY B 287 -10.17 9.96 -15.68
CA GLY B 287 -10.12 11.40 -15.56
C GLY B 287 -8.87 11.95 -14.90
N LYS B 288 -8.00 11.09 -14.39
CA LYS B 288 -6.78 11.52 -13.71
C LYS B 288 -5.59 11.35 -14.64
N HIS B 289 -4.61 12.26 -14.50
CA HIS B 289 -3.41 12.24 -15.33
C HIS B 289 -2.13 12.02 -14.54
N SER B 290 -2.17 12.10 -13.21
CA SER B 290 -0.97 11.93 -12.39
C SER B 290 -1.40 11.72 -10.94
N VAL B 291 -0.44 11.27 -10.14
CA VAL B 291 -0.60 11.12 -8.69
C VAL B 291 0.33 12.11 -8.01
N LYS B 292 -0.21 12.87 -7.05
CA LYS B 292 0.59 13.79 -6.26
C LYS B 292 0.54 13.34 -4.81
N GLY B 293 1.69 12.93 -4.27
CA GLY B 293 1.78 12.58 -2.86
C GLY B 293 1.93 13.82 -2.00
N LEU B 294 0.88 14.14 -1.24
CA LEU B 294 0.87 15.37 -0.45
C LEU B 294 1.86 15.26 0.70
N GLY B 295 2.81 16.20 0.75
CA GLY B 295 3.78 16.25 1.82
C GLY B 295 3.45 17.35 2.82
N LYS B 296 3.99 17.20 4.03
CA LYS B 296 3.75 18.18 5.09
C LYS B 296 4.29 19.55 4.69
N THR B 297 5.39 19.60 3.95
CA THR B 297 6.00 20.83 3.50
C THR B 297 5.84 20.97 1.99
N THR B 298 5.55 22.18 1.53
CA THR B 298 5.41 22.47 0.12
C THR B 298 6.14 23.76 -0.21
N PRO B 299 6.63 23.91 -1.43
CA PRO B 299 7.12 25.23 -1.86
C PRO B 299 5.99 26.24 -1.88
N ASP B 300 6.27 27.44 -1.37
CA ASP B 300 5.27 28.50 -1.26
C ASP B 300 4.64 28.77 -2.62
N PRO B 301 3.35 28.44 -2.79
CA PRO B 301 2.69 28.67 -4.08
C PRO B 301 2.58 30.13 -4.46
N SER B 302 2.79 31.05 -3.51
CA SER B 302 2.78 32.47 -3.84
C SER B 302 4.01 32.90 -4.64
N ALA B 303 5.06 32.07 -4.67
CA ALA B 303 6.30 32.40 -5.34
C ALA B 303 6.51 31.59 -6.62
N ASN B 304 5.45 31.00 -7.17
CA ASN B 304 5.57 30.30 -8.44
C ASN B 304 5.80 31.31 -9.56
N ILE B 305 6.75 30.99 -10.44
CA ILE B 305 7.07 31.82 -11.58
C ILE B 305 7.01 30.95 -12.84
N SER B 306 7.10 31.61 -13.99
CA SER B 306 6.94 30.97 -15.29
C SER B 306 8.24 31.00 -16.07
N LEU B 307 8.62 29.86 -16.64
CA LEU B 307 9.77 29.75 -17.53
C LEU B 307 9.33 28.95 -18.75
N ASP B 308 9.29 29.60 -19.91
CA ASP B 308 8.82 28.99 -21.15
C ASP B 308 7.38 28.48 -21.00
N GLY B 309 6.56 29.24 -20.25
CA GLY B 309 5.18 28.88 -20.03
C GLY B 309 4.95 27.81 -18.98
N VAL B 310 6.01 27.22 -18.42
CA VAL B 310 5.90 26.17 -17.43
C VAL B 310 6.12 26.76 -16.06
N ASP B 311 5.29 26.34 -15.09
CA ASP B 311 5.38 26.86 -13.74
C ASP B 311 6.59 26.27 -13.02
N VAL B 312 7.28 27.11 -12.24
CA VAL B 312 8.45 26.68 -11.49
C VAL B 312 8.20 26.92 -10.01
N PRO B 313 8.01 25.86 -9.21
CA PRO B 313 7.75 26.04 -7.78
C PRO B 313 9.02 26.25 -6.96
N LEU B 314 9.71 27.36 -7.24
CA LEU B 314 10.94 27.69 -6.54
C LEU B 314 10.70 28.44 -5.23
N GLY B 315 9.45 28.50 -4.76
CA GLY B 315 9.18 29.13 -3.50
C GLY B 315 9.81 28.39 -2.33
N THR B 316 10.06 29.11 -1.25
CA THR B 316 10.67 28.52 -0.08
C THR B 316 9.68 27.59 0.62
N GLY B 317 10.23 26.65 1.39
CA GLY B 317 9.41 25.61 1.99
C GLY B 317 8.54 26.15 3.10
N ILE B 318 7.22 25.94 2.99
CA ILE B 318 6.27 26.33 4.03
C ILE B 318 5.37 25.13 4.32
N SER B 319 4.60 25.24 5.39
CA SER B 319 3.64 24.20 5.73
C SER B 319 2.53 24.14 4.69
N SER B 320 2.09 22.93 4.36
CA SER B 320 1.09 22.74 3.32
C SER B 320 -0.33 22.71 3.86
N GLY B 321 -0.52 22.34 5.12
CA GLY B 321 -1.82 22.22 5.71
C GLY B 321 -2.35 20.81 5.82
N VAL B 322 -1.83 19.88 5.03
CA VAL B 322 -2.20 18.48 5.17
C VAL B 322 -1.63 17.95 6.47
N ASN B 323 -2.41 17.11 7.15
CA ASN B 323 -2.11 16.71 8.52
C ASN B 323 -1.59 15.29 8.64
N ASP B 324 -2.35 14.29 8.16
CA ASP B 324 -1.97 12.90 8.32
C ASP B 324 -1.43 12.36 7.00
N THR B 325 -0.22 12.79 6.68
CA THR B 325 0.48 12.35 5.47
C THR B 325 1.72 11.55 5.85
N SER B 326 1.98 10.49 5.11
CA SER B 326 3.19 9.70 5.28
C SER B 326 4.39 10.29 4.56
N LEU B 327 4.25 11.51 4.01
CA LEU B 327 5.29 12.14 3.21
C LEU B 327 5.64 13.49 3.81
N LEU B 328 6.94 13.76 3.95
CA LEU B 328 7.38 15.07 4.40
C LEU B 328 7.35 16.10 3.29
N TYR B 329 7.50 15.67 2.03
CA TYR B 329 7.59 16.57 0.90
C TYR B 329 6.82 15.98 -0.27
N ASN B 330 6.49 16.85 -1.22
CA ASN B 330 5.62 16.46 -2.32
C ASN B 330 6.30 15.44 -3.24
N GLU B 331 5.48 14.56 -3.81
CA GLU B 331 5.91 13.61 -4.82
C GLU B 331 4.96 13.71 -6.01
N TYR B 332 5.52 13.58 -7.21
CA TYR B 332 4.75 13.65 -8.44
C TYR B 332 5.08 12.44 -9.30
N ILE B 333 4.04 11.70 -9.70
CA ILE B 333 4.21 10.47 -10.45
C ILE B 333 3.32 10.50 -11.68
N VAL B 334 3.89 10.22 -12.84
CA VAL B 334 3.13 10.02 -14.07
C VAL B 334 3.30 8.57 -14.49
N TYR B 335 2.33 8.06 -15.24
CA TYR B 335 2.30 6.67 -15.65
C TYR B 335 2.35 6.50 -17.16
N ASP B 336 2.59 7.59 -17.90
CA ASP B 336 2.88 7.55 -19.33
C ASP B 336 4.19 8.28 -19.56
N ILE B 337 5.14 7.61 -20.21
CA ILE B 337 6.44 8.22 -20.44
C ILE B 337 6.35 9.42 -21.38
N ALA B 338 5.27 9.51 -22.16
CA ALA B 338 5.09 10.64 -23.07
C ALA B 338 4.77 11.94 -22.34
N GLN B 339 4.45 11.87 -21.04
CA GLN B 339 4.11 13.05 -20.26
C GLN B 339 5.34 13.76 -19.69
N VAL B 340 6.55 13.34 -20.08
CA VAL B 340 7.79 13.90 -19.57
C VAL B 340 8.57 14.51 -20.73
N ASN B 341 9.10 15.71 -20.52
CA ASN B 341 9.93 16.39 -21.51
C ASN B 341 11.15 16.96 -20.76
N LEU B 342 12.28 16.28 -20.87
CA LEU B 342 13.49 16.71 -20.18
C LEU B 342 14.03 17.99 -20.78
N LYS B 343 14.26 18.98 -19.93
CA LYS B 343 14.72 20.30 -20.36
C LYS B 343 16.15 20.60 -19.93
N TYR B 344 16.50 20.34 -18.67
CA TYR B 344 17.80 20.70 -18.14
C TYR B 344 18.42 19.54 -17.38
N LEU B 345 19.74 19.50 -17.40
CA LEU B 345 20.53 18.55 -16.61
C LEU B 345 21.56 19.34 -15.82
N LEU B 346 21.67 19.05 -14.53
CA LEU B 346 22.53 19.81 -13.63
C LEU B 346 23.62 18.92 -13.07
N LYS B 347 24.82 19.49 -12.95
CA LYS B 347 25.97 18.82 -12.36
C LYS B 347 26.27 19.49 -11.02
N LEU B 348 26.09 18.74 -9.94
CA LEU B 348 26.15 19.30 -8.59
C LEU B 348 27.33 18.73 -7.82
N LYS B 349 27.84 19.54 -6.89
CA LYS B 349 28.85 19.13 -5.94
C LYS B 349 28.24 19.09 -4.55
N PHE B 350 28.42 17.96 -3.86
CA PHE B 350 27.86 17.76 -2.53
C PHE B 350 28.94 18.10 -1.49
N ASN B 351 28.72 19.17 -0.74
CA ASN B 351 29.61 19.56 0.35
C ASN B 351 29.06 18.96 1.64
N PHE B 352 29.52 17.76 1.98
CA PHE B 352 29.05 17.06 3.17
C PHE B 352 29.64 17.73 4.41
N LYS B 353 28.79 18.38 5.20
CA LYS B 353 29.21 18.88 6.50
C LYS B 353 29.32 17.78 7.55
N THR B 354 28.80 16.59 7.26
CA THR B 354 28.89 15.46 8.17
C THR B 354 30.34 14.96 8.24
C01 ERV C . -10.65 -8.21 5.18
C02 ERV C . -10.34 -7.46 6.29
C03 ERV C . -11.27 -7.52 7.37
C04 ERV C . -12.65 -8.95 6.28
C05 ERV C . -13.70 -9.81 5.91
C06 ERV C . -13.35 -10.23 4.62
C07 ERV C . -9.11 -6.62 6.39
C08 ERV C . -14.87 -10.16 6.72
N01 ERV C . -12.37 -8.22 7.38
N02 ERV C . -11.79 -8.94 5.20
N03 ERV C . -12.21 -9.73 4.18
N04 ERV C . -14.91 -9.66 7.98
O01 ERV C . -15.78 -10.87 6.28
S SO4 D . -7.06 -13.34 0.15
O1 SO4 D . -7.29 -14.61 0.82
O2 SO4 D . -8.04 -13.18 -0.93
O3 SO4 D . -7.22 -12.25 1.11
O4 SO4 D . -5.71 -13.32 -0.40
S SO4 E . -18.76 -7.90 -10.87
O1 SO4 E . -19.96 -8.71 -10.67
O2 SO4 E . -19.13 -6.53 -11.17
O3 SO4 E . -17.97 -8.46 -11.97
O4 SO4 E . -17.94 -7.92 -9.65
S SO4 F . -11.08 13.25 -6.68
O1 SO4 F . -11.71 13.23 -5.36
O2 SO4 F . -11.83 12.43 -7.61
O3 SO4 F . -11.04 14.63 -7.17
O4 SO4 F . -9.71 12.74 -6.56
C01 ERV G . 10.38 8.88 -4.93
C02 ERV G . 10.75 7.63 -5.33
C03 ERV G . 11.81 7.55 -6.27
C04 ERV G . 12.08 9.80 -6.34
C05 ERV G . 12.51 11.11 -6.63
C06 ERV G . 11.67 11.92 -5.85
C07 ERV G . 10.08 6.39 -4.84
C08 ERV G . 13.59 11.49 -7.54
N01 ERV G . 12.47 8.58 -6.76
N02 ERV G . 11.04 9.95 -5.44
N03 ERV G . 10.80 11.24 -5.13
N04 ERV G . 14.39 10.49 -7.99
O01 ERV G . 13.77 12.66 -7.89
S SO4 H . 9.64 12.37 2.00
O1 SO4 H . 9.04 11.99 3.27
O2 SO4 H . 9.68 11.20 1.12
O3 SO4 H . 8.84 13.42 1.38
O4 SO4 H . 10.99 12.87 2.23
S SO4 I . -1.01 22.37 -6.39
O1 SO4 I . -1.80 21.18 -6.06
O2 SO4 I . -1.06 22.59 -7.84
O3 SO4 I . -1.57 23.53 -5.70
O4 SO4 I . 0.37 22.17 -5.97
#